data_4KPP
#
_entry.id   4KPP
#
_cell.length_a   63.954
_cell.length_b   97.386
_cell.length_c   71.233
_cell.angle_alpha   90.000
_cell.angle_beta   99.370
_cell.angle_gamma   90.000
#
_symmetry.space_group_name_H-M   'P 1 21 1'
#
loop_
_entity.id
_entity.type
_entity.pdbx_description
1 polymer 'Putative uncharacterized protein'
2 branched alpha-D-glucopyranose-(1-4)-alpha-D-glucopyranose
3 non-polymer 'CALCIUM ION'
4 non-polymer '(2S)-2,3-dihydroxypropyl (9Z)-octadec-9-enoate'
5 non-polymer 'OLEIC ACID'
6 water water
#
_entity_poly.entity_id   1
_entity_poly.type   'polypeptide(L)'
_entity_poly.pdbx_seq_one_letter_code
;MDFTKEKFQLLAISSLTLPWLISLAFNYHHPALTQTLLSGLAVVSASFLISWAAETAEMDVPRSFSLAIVALLAVLPEYA
VDGYFAWKAGSVGGEYVHYATANMTGANRLLIGIGWSLVAFIAFRTLKSKEVELDDGIRLEIFFLFLATLYAFTLPLKGH
ISPFDALVFVSLYAIYIYLSTKAEREEVEVGGVPAYLCSLKTETRRLSVVVLFLFAGFTILMSVEAFSEGLLETARIAGI
DEFLAVQWIAPLASESPELIVAIYFVRRFRVSASMNALISSKVNQWTLLIGTIAIIYSISAFKLQSLPLDARQSEEVLLT
AAQSLFAVAILLDLKISWKEASALFLLFIVQLLFPGVEVRYIISAIYIILSLPILFAKRKEIVESFRTVKRLISLESSGE
NLYFQ
;
_entity_poly.pdbx_strand_id   A,B
#
# COMPACT_ATOMS: atom_id res chain seq x y z
N ASP A 2 32.42 -5.06 2.56
CA ASP A 2 32.22 -6.36 1.94
C ASP A 2 30.73 -6.77 1.93
N PHE A 3 30.25 -7.23 3.08
CA PHE A 3 28.86 -7.65 3.25
C PHE A 3 28.42 -8.73 2.26
N THR A 4 29.30 -9.65 1.92
CA THR A 4 28.98 -10.70 0.96
C THR A 4 28.09 -11.78 1.59
N LYS A 5 28.35 -12.03 2.87
CA LYS A 5 27.63 -13.06 3.64
C LYS A 5 26.17 -12.67 3.84
N GLU A 6 25.95 -11.42 4.24
CA GLU A 6 24.61 -10.90 4.46
C GLU A 6 23.88 -10.60 3.16
N LYS A 7 24.64 -10.38 2.08
CA LYS A 7 24.04 -10.21 0.76
C LYS A 7 23.53 -11.55 0.25
N PHE A 8 24.20 -12.62 0.66
CA PHE A 8 23.77 -13.98 0.31
C PHE A 8 22.60 -14.40 1.18
N GLN A 9 22.56 -13.89 2.41
CA GLN A 9 21.44 -14.15 3.31
C GLN A 9 20.17 -13.48 2.80
N LEU A 10 20.33 -12.34 2.13
CA LEU A 10 19.20 -11.62 1.56
C LEU A 10 18.65 -12.41 0.37
N LEU A 11 19.53 -12.80 -0.54
CA LEU A 11 19.14 -13.54 -1.73
C LEU A 11 18.53 -14.89 -1.42
N ALA A 12 19.10 -15.58 -0.44
CA ALA A 12 18.67 -16.94 -0.09
C ALA A 12 17.21 -16.98 0.36
N ILE A 13 16.87 -16.15 1.34
CA ILE A 13 15.52 -16.18 1.88
C ILE A 13 14.50 -15.50 0.95
N SER A 14 14.98 -14.58 0.12
CA SER A 14 14.13 -13.97 -0.90
C SER A 14 13.74 -15.04 -1.91
N SER A 15 14.69 -15.93 -2.20
CA SER A 15 14.48 -16.99 -3.17
C SER A 15 13.45 -18.02 -2.67
N LEU A 16 13.21 -18.04 -1.36
CA LEU A 16 12.24 -18.95 -0.76
C LEU A 16 10.80 -18.62 -1.12
N THR A 17 10.56 -17.39 -1.60
CA THR A 17 9.23 -16.99 -2.06
C THR A 17 8.98 -17.52 -3.46
N LEU A 18 10.06 -17.78 -4.19
CA LEU A 18 10.00 -18.20 -5.59
C LEU A 18 9.17 -19.46 -5.89
N PRO A 19 9.31 -20.53 -5.08
CA PRO A 19 8.52 -21.72 -5.41
C PRO A 19 7.02 -21.44 -5.49
N TRP A 20 6.51 -20.59 -4.60
CA TRP A 20 5.12 -20.20 -4.66
C TRP A 20 4.84 -19.15 -5.74
N LEU A 21 5.71 -18.14 -5.84
CA LEU A 21 5.53 -17.07 -6.82
C LEU A 21 5.60 -17.58 -8.26
N ILE A 22 6.53 -18.48 -8.52
CA ILE A 22 6.64 -19.11 -9.84
C ILE A 22 5.38 -19.92 -10.14
N SER A 23 4.89 -20.64 -9.13
CA SER A 23 3.67 -21.42 -9.25
C SER A 23 2.47 -20.54 -9.58
N LEU A 24 2.43 -19.35 -8.99
CA LEU A 24 1.38 -18.39 -9.29
C LEU A 24 1.51 -17.88 -10.71
N ALA A 25 2.74 -17.56 -11.12
CA ALA A 25 3.00 -17.01 -12.43
C ALA A 25 2.52 -17.94 -13.55
N PHE A 26 2.75 -19.23 -13.36
CA PHE A 26 2.38 -20.21 -14.38
C PHE A 26 1.01 -20.85 -14.12
N ASN A 27 0.30 -20.32 -13.13
CA ASN A 27 -1.03 -20.82 -12.78
C ASN A 27 -1.05 -22.33 -12.56
N TYR A 28 0.00 -22.85 -11.94
CA TYR A 28 0.11 -24.27 -11.64
C TYR A 28 -0.65 -24.61 -10.37
N HIS A 29 -1.49 -25.64 -10.43
CA HIS A 29 -2.29 -26.04 -9.28
C HIS A 29 -1.64 -27.19 -8.52
N HIS A 30 -1.32 -26.96 -7.25
CA HIS A 30 -0.75 -27.99 -6.40
C HIS A 30 -1.83 -28.62 -5.51
N PRO A 31 -1.58 -29.85 -5.03
CA PRO A 31 -2.49 -30.47 -4.05
C PRO A 31 -2.50 -29.67 -2.74
N ALA A 32 -3.44 -29.99 -1.86
CA ALA A 32 -3.66 -29.21 -0.63
C ALA A 32 -2.42 -28.99 0.23
N LEU A 33 -1.76 -30.08 0.64
CA LEU A 33 -0.61 -29.97 1.53
C LEU A 33 0.54 -29.18 0.92
N THR A 34 0.88 -29.50 -0.32
CA THR A 34 2.01 -28.83 -0.97
C THR A 34 1.72 -27.35 -1.24
N GLN A 35 0.46 -27.02 -1.53
CA GLN A 35 0.05 -25.62 -1.64
C GLN A 35 0.29 -24.89 -0.33
N THR A 36 0.00 -25.57 0.78
CA THR A 36 0.17 -24.99 2.11
C THR A 36 1.65 -24.75 2.41
N LEU A 37 2.47 -25.75 2.13
CA LEU A 37 3.90 -25.66 2.36
C LEU A 37 4.56 -24.53 1.57
N LEU A 38 4.28 -24.48 0.28
CA LEU A 38 4.88 -23.48 -0.61
C LEU A 38 4.41 -22.06 -0.29
N SER A 39 3.10 -21.88 -0.16
CA SER A 39 2.55 -20.57 0.15
C SER A 39 2.96 -20.14 1.56
N GLY A 40 3.02 -21.11 2.47
CA GLY A 40 3.49 -20.88 3.81
C GLY A 40 4.97 -20.55 3.84
N LEU A 41 5.75 -21.19 2.98
CA LEU A 41 7.17 -20.89 2.86
C LEU A 41 7.36 -19.44 2.42
N ALA A 42 6.55 -19.01 1.46
CA ALA A 42 6.60 -17.63 0.97
C ALA A 42 6.21 -16.61 2.04
N VAL A 43 5.19 -16.93 2.85
CA VAL A 43 4.74 -16.01 3.89
C VAL A 43 5.80 -15.79 4.94
N VAL A 44 6.34 -16.88 5.47
CA VAL A 44 7.38 -16.83 6.48
C VAL A 44 8.61 -16.08 5.96
N SER A 45 9.00 -16.36 4.71
CA SER A 45 10.14 -15.71 4.09
C SER A 45 9.93 -14.20 3.97
N ALA A 46 8.79 -13.80 3.43
CA ALA A 46 8.44 -12.39 3.28
C ALA A 46 8.42 -11.68 4.64
N SER A 47 8.14 -12.44 5.69
CA SER A 47 8.10 -11.88 7.05
C SER A 47 9.48 -11.43 7.53
N PHE A 48 10.52 -12.22 7.25
CA PHE A 48 11.87 -11.86 7.62
C PHE A 48 12.33 -10.63 6.83
N LEU A 49 11.93 -10.59 5.56
CA LEU A 49 12.26 -9.46 4.69
C LEU A 49 11.67 -8.18 5.26
N ILE A 50 10.40 -8.25 5.66
CA ILE A 50 9.72 -7.12 6.27
C ILE A 50 10.42 -6.67 7.54
N SER A 51 10.83 -7.62 8.37
CA SER A 51 11.52 -7.28 9.61
C SER A 51 12.87 -6.64 9.32
N TRP A 52 13.60 -7.18 8.35
CA TRP A 52 14.86 -6.60 7.91
C TRP A 52 14.66 -5.18 7.42
N ALA A 53 13.56 -4.97 6.69
CA ALA A 53 13.21 -3.66 6.17
C ALA A 53 12.83 -2.68 7.26
N ALA A 54 12.06 -3.15 8.24
CA ALA A 54 11.60 -2.31 9.34
C ALA A 54 12.74 -1.89 10.25
N GLU A 55 13.71 -2.77 10.42
CA GLU A 55 14.85 -2.52 11.29
C GLU A 55 15.83 -1.52 10.69
N THR A 56 15.92 -1.53 9.36
CA THR A 56 16.75 -0.56 8.65
C THR A 56 16.12 0.82 8.73
N ALA A 57 14.81 0.87 8.50
CA ALA A 57 14.06 2.12 8.59
C ALA A 57 14.10 2.69 10.00
N GLU A 58 14.15 1.80 10.99
CA GLU A 58 14.20 2.21 12.39
C GLU A 58 15.54 2.84 12.75
N MET A 59 16.62 2.28 12.21
CA MET A 59 17.95 2.81 12.41
C MET A 59 18.10 4.13 11.65
N ASP A 60 17.46 4.19 10.48
CA ASP A 60 17.52 5.35 9.61
C ASP A 60 16.77 6.54 10.24
N VAL A 61 15.46 6.40 10.41
CA VAL A 61 14.64 7.44 11.01
C VAL A 61 13.89 6.89 12.22
N PRO A 62 14.52 6.96 13.40
CA PRO A 62 13.98 6.41 14.65
C PRO A 62 12.65 7.03 15.06
N ARG A 63 12.44 8.31 14.75
CA ARG A 63 11.25 9.04 15.16
C ARG A 63 9.98 8.58 14.44
N SER A 64 10.16 7.96 13.28
CA SER A 64 9.03 7.49 12.50
C SER A 64 8.70 6.02 12.80
N PHE A 65 9.70 5.29 13.29
CA PHE A 65 9.53 3.86 13.53
C PHE A 65 9.88 3.49 14.96
N SER A 66 8.88 3.58 15.85
CA SER A 66 9.04 3.17 17.23
C SER A 66 9.18 1.66 17.32
N LEU A 67 9.66 1.19 18.46
CA LEU A 67 9.83 -0.24 18.68
C LEU A 67 8.48 -0.95 18.62
N ALA A 68 7.43 -0.24 19.00
CA ALA A 68 6.08 -0.79 18.96
C ALA A 68 5.65 -1.04 17.52
N ILE A 69 5.95 -0.09 16.64
CA ILE A 69 5.60 -0.21 15.23
C ILE A 69 6.36 -1.34 14.54
N VAL A 70 7.65 -1.49 14.87
CA VAL A 70 8.43 -2.58 14.27
C VAL A 70 7.97 -3.92 14.83
N ALA A 71 7.37 -3.91 16.02
CA ALA A 71 6.83 -5.13 16.61
C ALA A 71 5.51 -5.49 15.92
N LEU A 72 4.82 -4.49 15.41
CA LEU A 72 3.60 -4.71 14.63
C LEU A 72 3.94 -5.29 13.27
N LEU A 73 4.91 -4.66 12.60
CA LEU A 73 5.33 -5.10 11.27
C LEU A 73 5.90 -6.51 11.31
N ALA A 74 6.35 -6.93 12.49
CA ALA A 74 6.92 -8.27 12.66
C ALA A 74 5.86 -9.38 12.66
N VAL A 75 4.60 -9.00 12.83
CA VAL A 75 3.51 -9.97 12.87
C VAL A 75 2.44 -9.69 11.81
N LEU A 76 2.86 -9.06 10.72
CA LEU A 76 1.99 -8.81 9.58
C LEU A 76 1.33 -10.08 9.00
N PRO A 77 2.07 -11.20 8.92
CA PRO A 77 1.40 -12.42 8.44
C PRO A 77 0.18 -12.80 9.28
N GLU A 78 0.21 -12.52 10.58
CA GLU A 78 -0.93 -12.82 11.43
C GLU A 78 -2.13 -11.96 11.07
N TYR A 79 -1.88 -10.68 10.81
CA TYR A 79 -2.95 -9.77 10.42
C TYR A 79 -3.53 -10.15 9.06
N ALA A 80 -2.67 -10.63 8.17
CA ALA A 80 -3.11 -10.99 6.83
C ALA A 80 -3.91 -12.28 6.81
N VAL A 81 -3.45 -13.28 7.57
CA VAL A 81 -4.17 -14.55 7.67
C VAL A 81 -5.49 -14.39 8.43
N ASP A 82 -5.45 -13.71 9.57
CA ASP A 82 -6.66 -13.48 10.34
C ASP A 82 -7.59 -12.54 9.59
N GLY A 83 -7.00 -11.60 8.87
CA GLY A 83 -7.77 -10.68 8.03
C GLY A 83 -8.50 -11.41 6.92
N TYR A 84 -7.86 -12.43 6.36
CA TYR A 84 -8.49 -13.23 5.32
C TYR A 84 -9.72 -13.93 5.85
N PHE A 85 -9.59 -14.53 7.03
CA PHE A 85 -10.71 -15.20 7.69
C PHE A 85 -11.86 -14.24 7.97
N ALA A 86 -11.53 -13.02 8.41
CA ALA A 86 -12.55 -12.02 8.67
C ALA A 86 -13.22 -11.55 7.38
N TRP A 87 -12.43 -11.45 6.31
CA TRP A 87 -12.99 -11.06 5.01
C TRP A 87 -13.99 -12.10 4.50
N LYS A 88 -13.59 -13.36 4.56
CA LYS A 88 -14.47 -14.46 4.16
C LYS A 88 -15.70 -14.52 5.06
N ALA A 89 -15.52 -14.20 6.34
CA ALA A 89 -16.61 -14.22 7.31
C ALA A 89 -17.73 -13.27 6.93
N GLY A 90 -17.38 -12.09 6.41
CA GLY A 90 -18.38 -11.08 6.08
C GLY A 90 -18.92 -11.21 4.67
N SER A 91 -18.09 -11.72 3.76
CA SER A 91 -18.48 -11.85 2.36
C SER A 91 -19.15 -13.20 2.09
N VAL A 92 -18.79 -14.21 2.86
CA VAL A 92 -19.31 -15.56 2.63
C VAL A 92 -20.06 -16.10 3.85
N GLY A 93 -19.55 -15.80 5.04
CA GLY A 93 -20.16 -16.27 6.27
C GLY A 93 -19.77 -17.70 6.58
N GLY A 94 -20.69 -18.46 7.16
CA GLY A 94 -20.43 -19.85 7.49
C GLY A 94 -19.38 -19.97 8.58
N GLU A 95 -18.50 -20.96 8.43
CA GLU A 95 -17.51 -21.29 9.44
C GLU A 95 -16.45 -20.20 9.62
N TYR A 96 -16.30 -19.34 8.61
CA TYR A 96 -15.30 -18.29 8.66
C TYR A 96 -15.55 -17.29 9.79
N VAL A 97 -16.80 -17.22 10.25
CA VAL A 97 -17.18 -16.37 11.38
C VAL A 97 -16.45 -16.82 12.65
N HIS A 98 -16.43 -18.13 12.89
CA HIS A 98 -15.75 -18.68 14.06
C HIS A 98 -14.24 -18.65 13.86
N TYR A 99 -13.78 -18.91 12.64
CA TYR A 99 -12.35 -18.98 12.35
C TYR A 99 -11.63 -17.67 12.65
N ALA A 100 -12.29 -16.55 12.40
CA ALA A 100 -11.69 -15.23 12.61
C ALA A 100 -11.32 -15.04 14.08
N THR A 101 -12.21 -15.44 14.97
CA THR A 101 -11.98 -15.27 16.39
C THR A 101 -11.06 -16.36 16.94
N ALA A 102 -11.23 -17.58 16.45
CA ALA A 102 -10.38 -18.70 16.85
C ALA A 102 -8.93 -18.45 16.49
N ASN A 103 -8.69 -17.90 15.31
CA ASN A 103 -7.32 -17.61 14.86
C ASN A 103 -6.69 -16.50 15.70
N MET A 104 -7.49 -15.50 16.04
CA MET A 104 -7.04 -14.37 16.83
C MET A 104 -6.67 -14.80 18.25
N THR A 105 -7.53 -15.61 18.86
CA THR A 105 -7.29 -16.09 20.22
C THR A 105 -6.12 -17.06 20.24
N GLY A 106 -6.02 -17.87 19.18
CA GLY A 106 -4.89 -18.78 19.04
C GLY A 106 -3.58 -18.03 18.99
N ALA A 107 -3.54 -16.97 18.18
CA ALA A 107 -2.34 -16.16 18.04
C ALA A 107 -1.91 -15.58 19.38
N ASN A 108 -2.86 -14.98 20.10
CA ASN A 108 -2.59 -14.38 21.41
C ASN A 108 -2.09 -15.37 22.44
N ARG A 109 -2.78 -16.49 22.59
CA ARG A 109 -2.43 -17.46 23.61
C ARG A 109 -1.13 -18.19 23.31
N LEU A 110 -0.87 -18.44 22.03
CA LEU A 110 0.36 -19.08 21.61
C LEU A 110 1.55 -18.16 21.89
N LEU A 111 1.33 -16.87 21.70
CA LEU A 111 2.38 -15.87 21.89
C LEU A 111 2.87 -15.87 23.33
N ILE A 112 1.94 -15.92 24.27
CA ILE A 112 2.29 -15.91 25.68
C ILE A 112 2.65 -17.30 26.17
N GLY A 113 1.78 -18.27 25.88
CA GLY A 113 1.98 -19.64 26.33
C GLY A 113 3.24 -20.29 25.81
N ILE A 114 3.54 -20.05 24.53
CA ILE A 114 4.74 -20.61 23.91
C ILE A 114 5.85 -19.58 23.80
N GLY A 115 5.59 -18.50 23.09
CA GLY A 115 6.58 -17.46 22.83
C GLY A 115 7.29 -16.89 24.06
N TRP A 116 6.53 -16.28 24.97
CA TRP A 116 7.10 -15.69 26.17
C TRP A 116 7.86 -16.72 27.02
N SER A 117 7.29 -17.91 27.13
CA SER A 117 7.89 -18.95 27.95
C SER A 117 9.16 -19.50 27.33
N LEU A 118 9.09 -19.83 26.04
CA LEU A 118 10.23 -20.37 25.31
C LEU A 118 11.41 -19.41 25.36
N VAL A 119 11.17 -18.17 24.95
CA VAL A 119 12.21 -17.16 24.93
C VAL A 119 12.83 -16.96 26.32
N ALA A 120 11.99 -16.97 27.34
CA ALA A 120 12.46 -16.84 28.72
C ALA A 120 13.35 -18.02 29.11
N PHE A 121 12.92 -19.24 28.75
CA PHE A 121 13.69 -20.45 29.06
C PHE A 121 15.06 -20.47 28.39
N ILE A 122 15.10 -20.04 27.13
CA ILE A 122 16.36 -19.98 26.39
C ILE A 122 17.28 -18.94 27.00
N ALA A 123 16.68 -17.81 27.41
CA ALA A 123 17.42 -16.75 28.09
C ALA A 123 18.01 -17.23 29.41
N PHE A 124 17.29 -18.12 30.08
CA PHE A 124 17.76 -18.70 31.34
C PHE A 124 19.05 -19.49 31.12
N ARG A 125 19.07 -20.33 30.09
CA ARG A 125 20.23 -21.16 29.82
C ARG A 125 21.38 -20.35 29.23
N THR A 126 21.03 -19.28 28.52
CA THR A 126 22.03 -18.45 27.86
C THR A 126 22.76 -17.56 28.87
N LEU A 127 22.00 -16.97 29.78
CA LEU A 127 22.57 -16.13 30.84
C LEU A 127 23.05 -16.96 32.02
N LYS A 128 22.76 -18.26 31.98
CA LYS A 128 23.06 -19.17 33.09
C LYS A 128 22.47 -18.64 34.39
N SER A 129 21.20 -18.25 34.33
CA SER A 129 20.51 -17.69 35.48
C SER A 129 19.10 -18.24 35.63
N LYS A 130 18.32 -17.64 36.51
CA LYS A 130 16.97 -18.10 36.79
C LYS A 130 15.96 -16.94 36.86
N GLU A 131 16.30 -15.83 36.22
CA GLU A 131 15.43 -14.66 36.23
C GLU A 131 15.70 -13.75 35.03
N VAL A 132 14.63 -13.26 34.40
CA VAL A 132 14.73 -12.30 33.32
C VAL A 132 14.15 -10.96 33.75
N GLU A 133 14.96 -9.91 33.67
CA GLU A 133 14.50 -8.58 34.08
C GLU A 133 14.09 -7.73 32.88
N LEU A 134 13.03 -6.93 33.07
CA LEU A 134 12.54 -6.06 32.00
C LEU A 134 12.79 -4.59 32.30
N ASP A 135 12.82 -3.77 31.25
CA ASP A 135 13.06 -2.33 31.39
C ASP A 135 11.91 -1.65 32.09
N ASP A 136 12.12 -0.41 32.53
CA ASP A 136 11.08 0.37 33.20
C ASP A 136 10.00 0.79 32.22
N GLY A 137 10.35 0.87 30.93
CA GLY A 137 9.42 1.30 29.91
C GLY A 137 8.29 0.32 29.68
N ILE A 138 8.47 -0.90 30.17
CA ILE A 138 7.45 -1.94 30.04
C ILE A 138 6.13 -1.54 30.73
N ARG A 139 6.23 -0.69 31.75
CA ARG A 139 5.03 -0.22 32.46
C ARG A 139 4.01 0.42 31.53
N LEU A 140 4.49 0.95 30.40
CA LEU A 140 3.62 1.49 29.38
C LEU A 140 2.72 0.39 28.84
N GLU A 141 3.34 -0.65 28.26
CA GLU A 141 2.58 -1.74 27.67
C GLU A 141 1.70 -2.46 28.70
N ILE A 142 2.18 -2.53 29.94
CA ILE A 142 1.43 -3.14 31.03
C ILE A 142 0.09 -2.44 31.22
N PHE A 143 0.11 -1.11 31.22
CA PHE A 143 -1.08 -0.30 31.39
C PHE A 143 -2.12 -0.58 30.29
N PHE A 144 -1.67 -0.58 29.05
CA PHE A 144 -2.58 -0.80 27.92
C PHE A 144 -3.05 -2.24 27.83
N LEU A 145 -2.20 -3.16 28.28
CA LEU A 145 -2.57 -4.56 28.34
C LEU A 145 -3.69 -4.76 29.34
N PHE A 146 -3.60 -4.04 30.46
CA PHE A 146 -4.61 -4.13 31.50
C PHE A 146 -5.95 -3.56 31.02
N LEU A 147 -5.92 -2.43 30.34
CA LEU A 147 -7.14 -1.80 29.84
C LEU A 147 -7.81 -2.62 28.74
N ALA A 148 -6.99 -3.18 27.84
CA ALA A 148 -7.50 -4.01 26.76
C ALA A 148 -8.14 -5.28 27.32
N THR A 149 -7.51 -5.85 28.34
CA THR A 149 -8.00 -7.08 28.95
C THR A 149 -9.31 -6.87 29.68
N LEU A 150 -9.39 -5.79 30.46
CA LEU A 150 -10.61 -5.43 31.17
C LEU A 150 -11.75 -5.20 30.18
N TYR A 151 -11.43 -4.59 29.05
CA TYR A 151 -12.45 -4.35 28.03
C TYR A 151 -12.85 -5.64 27.33
N ALA A 152 -11.87 -6.53 27.13
CA ALA A 152 -12.12 -7.80 26.45
C ALA A 152 -13.02 -8.73 27.25
N PHE A 153 -13.04 -8.53 28.58
CA PHE A 153 -13.93 -9.31 29.44
C PHE A 153 -15.40 -8.98 29.21
N THR A 154 -15.67 -7.89 28.50
CA THR A 154 -17.05 -7.47 28.23
C THR A 154 -17.56 -8.09 26.94
N LEU A 155 -16.70 -8.81 26.24
CA LEU A 155 -17.07 -9.44 24.97
C LEU A 155 -17.87 -10.76 25.09
N PRO A 156 -17.45 -11.70 25.96
CA PRO A 156 -18.23 -12.93 26.09
C PRO A 156 -19.62 -12.70 26.67
N LEU A 157 -19.77 -11.62 27.43
CA LEU A 157 -21.06 -11.24 28.00
C LEU A 157 -22.08 -10.89 26.92
N LYS A 158 -21.72 -9.92 26.09
CA LYS A 158 -22.57 -9.47 24.99
C LYS A 158 -22.77 -10.57 23.95
N GLY A 159 -21.72 -11.38 23.75
CA GLY A 159 -21.76 -12.43 22.75
C GLY A 159 -21.41 -11.96 21.36
N HIS A 160 -20.75 -10.81 21.26
CA HIS A 160 -20.31 -10.29 19.97
C HIS A 160 -19.25 -9.21 20.14
N ILE A 161 -18.70 -8.75 19.01
CA ILE A 161 -17.72 -7.67 19.00
C ILE A 161 -18.22 -6.59 18.03
N SER A 162 -18.73 -5.49 18.59
CA SER A 162 -19.37 -4.45 17.81
C SER A 162 -18.39 -3.53 17.09
N PRO A 163 -18.88 -2.77 16.09
CA PRO A 163 -18.07 -1.72 15.45
C PRO A 163 -17.49 -0.73 16.46
N PHE A 164 -18.21 -0.51 17.56
CA PHE A 164 -17.75 0.37 18.62
C PHE A 164 -16.61 -0.27 19.41
N ASP A 165 -16.72 -1.57 19.65
CA ASP A 165 -15.66 -2.33 20.29
C ASP A 165 -14.37 -2.19 19.51
N ALA A 166 -14.47 -2.36 18.19
CA ALA A 166 -13.32 -2.24 17.31
C ALA A 166 -12.74 -0.83 17.41
N LEU A 167 -13.61 0.16 17.48
CA LEU A 167 -13.20 1.55 17.63
C LEU A 167 -12.39 1.74 18.91
N VAL A 168 -12.83 1.10 19.99
CA VAL A 168 -12.13 1.18 21.27
C VAL A 168 -10.75 0.54 21.19
N PHE A 169 -10.70 -0.70 20.71
CA PHE A 169 -9.44 -1.44 20.58
C PHE A 169 -8.44 -0.72 19.69
N VAL A 170 -8.91 -0.16 18.58
CA VAL A 170 -8.04 0.60 17.70
C VAL A 170 -7.59 1.89 18.37
N SER A 171 -8.50 2.52 19.12
CA SER A 171 -8.17 3.74 19.86
C SER A 171 -7.08 3.49 20.89
N LEU A 172 -7.21 2.39 21.63
CA LEU A 172 -6.22 2.02 22.63
C LEU A 172 -4.84 1.88 22.00
N TYR A 173 -4.78 1.19 20.87
CA TYR A 173 -3.50 0.98 20.21
C TYR A 173 -2.94 2.28 19.64
N ALA A 174 -3.80 3.11 19.05
CA ALA A 174 -3.40 4.40 18.50
C ALA A 174 -2.78 5.29 19.58
N ILE A 175 -3.43 5.35 20.73
CA ILE A 175 -2.92 6.10 21.88
C ILE A 175 -1.61 5.50 22.38
N TYR A 176 -1.55 4.17 22.41
CA TYR A 176 -0.34 3.46 22.81
C TYR A 176 0.82 3.79 21.89
N ILE A 177 0.58 3.75 20.58
CA ILE A 177 1.60 4.11 19.60
C ILE A 177 2.07 5.55 19.80
N TYR A 178 1.11 6.46 19.94
CA TYR A 178 1.41 7.88 20.15
C TYR A 178 2.30 8.10 21.38
N LEU A 179 2.02 7.39 22.45
CA LEU A 179 2.79 7.52 23.68
C LEU A 179 4.14 6.82 23.57
N SER A 180 4.22 5.84 22.66
CA SER A 180 5.45 5.08 22.46
C SER A 180 6.49 5.91 21.72
N THR A 181 6.02 6.96 21.04
CA THR A 181 6.90 7.86 20.31
C THR A 181 7.52 8.88 21.27
N LYS A 182 6.77 9.25 22.30
CA LYS A 182 7.23 10.22 23.29
C LYS A 182 8.11 9.57 24.35
N ALA A 183 8.15 8.24 24.36
CA ALA A 183 8.96 7.51 25.32
C ALA A 183 10.41 7.41 24.84
N GLU A 184 11.34 7.44 25.79
CA GLU A 184 12.76 7.35 25.47
C GLU A 184 13.11 5.94 25.01
N ARG A 185 13.40 5.80 23.72
CA ARG A 185 13.75 4.50 23.15
C ARG A 185 15.19 4.15 23.49
N GLU A 186 15.55 2.89 23.31
CA GLU A 186 16.92 2.44 23.49
C GLU A 186 17.67 2.55 22.16
N GLU A 187 18.99 2.66 22.24
CA GLU A 187 19.81 2.76 21.04
C GLU A 187 19.65 1.50 20.19
N VAL A 188 19.30 1.70 18.92
CA VAL A 188 19.07 0.58 18.02
C VAL A 188 20.37 0.06 17.41
N GLU A 189 20.71 -1.18 17.73
CA GLU A 189 21.87 -1.83 17.15
C GLU A 189 21.50 -2.41 15.80
N VAL A 190 22.49 -2.62 14.94
CA VAL A 190 22.26 -3.24 13.64
C VAL A 190 23.23 -4.39 13.44
N GLY A 191 22.76 -5.45 12.78
CA GLY A 191 23.57 -6.63 12.54
C GLY A 191 22.94 -7.50 11.48
N GLY A 192 23.76 -8.03 10.59
CA GLY A 192 23.27 -8.84 9.50
C GLY A 192 22.76 -7.98 8.36
N VAL A 193 21.61 -8.36 7.81
CA VAL A 193 21.03 -7.66 6.67
C VAL A 193 20.79 -6.15 6.88
N PRO A 194 20.17 -5.75 8.03
CA PRO A 194 19.98 -4.32 8.23
C PRO A 194 21.29 -3.52 8.28
N ALA A 195 22.35 -4.12 8.79
CA ALA A 195 23.65 -3.44 8.85
C ALA A 195 24.20 -3.18 7.45
N TYR A 196 24.00 -4.16 6.55
CA TYR A 196 24.39 -3.99 5.15
C TYR A 196 23.53 -2.95 4.46
N LEU A 197 22.23 -2.94 4.78
CA LEU A 197 21.33 -1.94 4.20
C LEU A 197 21.67 -0.54 4.71
N CYS A 198 22.06 -0.43 5.96
CA CYS A 198 22.46 0.85 6.54
C CYS A 198 23.79 1.36 5.97
N SER A 199 24.57 0.46 5.37
CA SER A 199 25.87 0.82 4.82
C SER A 199 25.74 1.55 3.50
N LEU A 200 24.61 1.36 2.83
CA LEU A 200 24.36 1.97 1.53
C LEU A 200 24.02 3.45 1.67
N LYS A 201 24.32 4.23 0.64
CA LYS A 201 23.99 5.66 0.63
C LYS A 201 22.48 5.85 0.78
N THR A 202 22.09 7.00 1.33
CA THR A 202 20.71 7.27 1.76
C THR A 202 19.61 6.88 0.78
N GLU A 203 19.66 7.41 -0.44
CA GLU A 203 18.60 7.16 -1.42
C GLU A 203 18.55 5.70 -1.89
N THR A 204 19.73 5.09 -2.02
CA THR A 204 19.80 3.67 -2.40
C THR A 204 19.31 2.80 -1.25
N ARG A 205 19.70 3.15 -0.04
CA ARG A 205 19.24 2.45 1.15
C ARG A 205 17.72 2.48 1.26
N ARG A 206 17.14 3.67 1.15
CA ARG A 206 15.70 3.84 1.33
C ARG A 206 14.89 3.24 0.17
N LEU A 207 15.42 3.35 -1.04
CA LEU A 207 14.79 2.71 -2.20
C LEU A 207 14.73 1.21 -2.00
N SER A 208 15.81 0.66 -1.45
CA SER A 208 15.94 -0.78 -1.27
C SER A 208 14.92 -1.33 -0.29
N VAL A 209 14.77 -0.70 0.87
CA VAL A 209 13.85 -1.20 1.89
C VAL A 209 12.40 -0.95 1.48
N VAL A 210 12.19 0.05 0.62
CA VAL A 210 10.87 0.28 0.05
C VAL A 210 10.53 -0.87 -0.91
N VAL A 211 11.49 -1.22 -1.77
CA VAL A 211 11.34 -2.37 -2.65
C VAL A 211 11.09 -3.64 -1.85
N LEU A 212 11.87 -3.83 -0.78
CA LEU A 212 11.71 -4.99 0.10
C LEU A 212 10.32 -5.04 0.72
N PHE A 213 9.90 -3.93 1.33
CA PHE A 213 8.56 -3.81 1.88
C PHE A 213 7.47 -4.14 0.85
N LEU A 214 7.57 -3.54 -0.32
CA LEU A 214 6.57 -3.73 -1.35
C LEU A 214 6.56 -5.17 -1.86
N PHE A 215 7.75 -5.74 -2.04
CA PHE A 215 7.86 -7.09 -2.56
C PHE A 215 7.36 -8.11 -1.56
N ALA A 216 7.74 -7.94 -0.30
CA ALA A 216 7.32 -8.85 0.76
C ALA A 216 5.83 -8.70 1.04
N GLY A 217 5.36 -7.47 1.07
CA GLY A 217 3.95 -7.19 1.27
C GLY A 217 3.09 -7.75 0.16
N PHE A 218 3.58 -7.61 -1.08
CA PHE A 218 2.91 -8.19 -2.24
C PHE A 218 2.84 -9.71 -2.12
N THR A 219 3.97 -10.31 -1.74
CA THR A 219 4.07 -11.76 -1.61
C THR A 219 3.07 -12.31 -0.58
N ILE A 220 3.01 -11.67 0.58
CA ILE A 220 2.06 -12.07 1.62
C ILE A 220 0.62 -12.03 1.14
N LEU A 221 0.24 -10.95 0.47
CA LEU A 221 -1.13 -10.80 -0.02
C LEU A 221 -1.47 -11.81 -1.12
N MET A 222 -0.44 -12.27 -1.84
CA MET A 222 -0.63 -13.27 -2.89
C MET A 222 -0.46 -14.70 -2.36
N SER A 223 -0.34 -14.83 -1.05
CA SER A 223 -0.06 -16.14 -0.45
C SER A 223 -1.07 -16.58 0.62
N VAL A 224 -1.65 -15.63 1.34
CA VAL A 224 -2.46 -15.97 2.51
C VAL A 224 -3.71 -16.80 2.22
N GLU A 225 -4.40 -16.49 1.12
CA GLU A 225 -5.59 -17.25 0.75
C GLU A 225 -5.24 -18.70 0.48
N ALA A 226 -4.23 -18.94 -0.34
CA ALA A 226 -3.82 -20.29 -0.67
C ALA A 226 -3.32 -21.02 0.57
N PHE A 227 -2.58 -20.31 1.41
CA PHE A 227 -2.09 -20.90 2.65
C PHE A 227 -3.24 -21.25 3.60
N SER A 228 -4.21 -20.35 3.71
CA SER A 228 -5.35 -20.54 4.62
C SER A 228 -6.29 -21.63 4.11
N GLU A 229 -6.62 -21.58 2.83
CA GLU A 229 -7.48 -22.59 2.22
C GLU A 229 -6.74 -23.91 2.09
N GLY A 230 -5.43 -23.85 1.90
CA GLY A 230 -4.61 -25.04 1.85
C GLY A 230 -4.64 -25.76 3.18
N LEU A 231 -4.49 -25.00 4.27
CA LEU A 231 -4.57 -25.56 5.61
C LEU A 231 -5.92 -26.22 5.86
N LEU A 232 -6.99 -25.49 5.56
CA LEU A 232 -8.35 -26.00 5.74
C LEU A 232 -8.60 -27.26 4.93
N GLU A 233 -8.09 -27.29 3.70
CA GLU A 233 -8.24 -28.44 2.84
C GLU A 233 -7.48 -29.65 3.37
N THR A 234 -6.22 -29.42 3.75
CA THR A 234 -5.37 -30.47 4.31
C THR A 234 -6.01 -31.10 5.54
N ALA A 235 -6.56 -30.28 6.42
CA ALA A 235 -7.20 -30.76 7.64
C ALA A 235 -8.45 -31.60 7.36
N ARG A 236 -9.15 -31.26 6.27
CA ARG A 236 -10.37 -31.96 5.89
C ARG A 236 -10.13 -33.37 5.31
N ILE A 237 -9.18 -33.51 4.41
CA ILE A 237 -8.93 -34.85 3.85
C ILE A 237 -8.29 -35.75 4.91
N ALA A 238 -7.57 -35.15 5.84
CA ALA A 238 -7.09 -35.87 7.02
C ALA A 238 -8.25 -35.97 8.01
N GLY A 239 -7.96 -36.48 9.21
CA GLY A 239 -9.01 -36.62 10.20
C GLY A 239 -9.05 -35.49 11.21
N ILE A 240 -8.25 -34.45 10.97
CA ILE A 240 -8.05 -33.38 11.93
C ILE A 240 -9.11 -32.27 11.87
N ASP A 241 -9.61 -31.90 13.05
CA ASP A 241 -10.56 -30.80 13.19
C ASP A 241 -9.97 -29.48 12.67
N GLU A 242 -10.77 -28.77 11.89
CA GLU A 242 -10.33 -27.53 11.26
C GLU A 242 -9.99 -26.43 12.27
N PHE A 243 -10.62 -26.48 13.44
CA PHE A 243 -10.36 -25.48 14.47
C PHE A 243 -8.94 -25.56 15.00
N LEU A 244 -8.38 -26.77 15.00
CA LEU A 244 -7.01 -26.95 15.46
C LEU A 244 -6.03 -26.31 14.47
N ALA A 245 -6.34 -26.41 13.19
CA ALA A 245 -5.50 -25.81 12.16
C ALA A 245 -5.59 -24.29 12.19
N VAL A 246 -6.81 -23.78 12.24
CA VAL A 246 -7.07 -22.34 12.28
C VAL A 246 -6.49 -21.69 13.54
N GLN A 247 -6.61 -22.37 14.67
CA GLN A 247 -6.24 -21.79 15.95
C GLN A 247 -4.77 -22.01 16.31
N TRP A 248 -4.21 -23.16 15.94
CA TRP A 248 -2.88 -23.52 16.40
C TRP A 248 -1.81 -23.59 15.30
N ILE A 249 -2.16 -24.16 14.16
CA ILE A 249 -1.18 -24.33 13.09
C ILE A 249 -0.94 -23.02 12.33
N ALA A 250 -2.02 -22.34 11.95
CA ALA A 250 -1.89 -21.08 11.22
C ALA A 250 -1.12 -19.98 11.96
N PRO A 251 -1.41 -19.76 13.25
CA PRO A 251 -0.61 -18.73 13.94
C PRO A 251 0.85 -19.15 14.12
N LEU A 252 1.09 -20.46 14.22
CA LEU A 252 2.45 -20.97 14.38
C LEU A 252 3.31 -20.53 13.21
N ALA A 253 2.73 -20.56 12.02
CA ALA A 253 3.43 -20.13 10.82
C ALA A 253 3.56 -18.61 10.75
N SER A 254 2.68 -17.90 11.45
CA SER A 254 2.68 -16.45 11.44
C SER A 254 3.56 -15.87 12.55
N GLU A 255 3.65 -16.57 13.67
CA GLU A 255 4.39 -16.08 14.83
C GLU A 255 5.83 -16.63 14.88
N SER A 256 6.12 -17.60 14.02
CA SER A 256 7.47 -18.18 13.96
C SER A 256 8.61 -17.21 13.59
N PRO A 257 8.42 -16.39 12.53
CA PRO A 257 9.52 -15.46 12.19
C PRO A 257 9.81 -14.49 13.33
N GLU A 258 8.76 -14.06 14.01
CA GLU A 258 8.89 -13.19 15.17
C GLU A 258 9.65 -13.89 16.30
N LEU A 259 9.36 -15.17 16.50
CA LEU A 259 10.01 -15.96 17.53
C LEU A 259 11.50 -16.17 17.21
N ILE A 260 11.79 -16.51 15.97
CA ILE A 260 13.17 -16.73 15.53
C ILE A 260 14.05 -15.50 15.73
N VAL A 261 13.52 -14.32 15.41
CA VAL A 261 14.25 -13.08 15.62
C VAL A 261 14.47 -12.83 17.11
N ALA A 262 13.47 -13.17 17.91
CA ALA A 262 13.58 -13.05 19.36
C ALA A 262 14.69 -13.94 19.92
N ILE A 263 14.74 -15.19 19.45
CA ILE A 263 15.77 -16.12 19.89
C ILE A 263 17.17 -15.64 19.49
N TYR A 264 17.27 -15.08 18.28
CA TYR A 264 18.54 -14.58 17.77
C TYR A 264 19.09 -13.47 18.66
N PHE A 265 18.21 -12.55 19.07
CA PHE A 265 18.60 -11.43 19.92
C PHE A 265 18.94 -11.86 21.34
N VAL A 266 18.37 -12.97 21.79
CA VAL A 266 18.69 -13.52 23.10
C VAL A 266 20.13 -14.04 23.11
N ARG A 267 20.50 -14.82 22.11
CA ARG A 267 21.84 -15.39 22.02
C ARG A 267 22.92 -14.31 21.83
N ARG A 268 22.50 -13.15 21.33
CA ARG A 268 23.42 -12.01 21.21
C ARG A 268 23.36 -11.14 22.46
N PHE A 269 22.82 -11.71 23.53
CA PHE A 269 22.76 -11.06 24.85
C PHE A 269 21.92 -9.79 24.87
N ARG A 270 20.80 -9.81 24.14
CA ARG A 270 19.87 -8.70 24.14
C ARG A 270 18.49 -9.19 24.56
N VAL A 271 18.40 -9.62 25.82
CA VAL A 271 17.17 -10.21 26.35
C VAL A 271 16.06 -9.17 26.56
N SER A 272 16.43 -8.00 27.05
CA SER A 272 15.47 -6.94 27.34
C SER A 272 14.71 -6.48 26.09
N ALA A 273 15.45 -6.09 25.06
CA ALA A 273 14.86 -5.65 23.81
C ALA A 273 14.03 -6.77 23.18
N SER A 274 14.50 -8.01 23.32
CA SER A 274 13.79 -9.17 22.79
C SER A 274 12.43 -9.33 23.45
N MET A 275 12.39 -9.18 24.78
CA MET A 275 11.14 -9.27 25.52
C MET A 275 10.25 -8.05 25.30
N ASN A 276 10.86 -6.89 25.10
CA ASN A 276 10.11 -5.67 24.78
C ASN A 276 9.25 -5.87 23.53
N ALA A 277 9.80 -6.57 22.55
CA ALA A 277 9.13 -6.79 21.29
C ALA A 277 7.98 -7.78 21.45
N LEU A 278 8.23 -8.86 22.17
CA LEU A 278 7.22 -9.89 22.40
C LEU A 278 6.05 -9.35 23.22
N ILE A 279 6.35 -8.47 24.17
CA ILE A 279 5.32 -7.87 25.01
C ILE A 279 4.51 -6.85 24.21
N SER A 280 5.20 -6.04 23.42
CA SER A 280 4.55 -5.06 22.56
C SER A 280 3.75 -5.73 21.44
N SER A 281 4.24 -6.87 20.96
CA SER A 281 3.53 -7.64 19.94
C SER A 281 2.22 -8.18 20.53
N LYS A 282 2.26 -8.56 21.80
CA LYS A 282 1.06 -8.96 22.50
C LYS A 282 0.08 -7.79 22.54
N VAL A 283 0.60 -6.58 22.76
CA VAL A 283 -0.25 -5.39 22.81
C VAL A 283 -1.06 -5.19 21.52
N ASN A 284 -0.38 -5.17 20.37
CA ASN A 284 -1.11 -4.94 19.12
C ASN A 284 -2.06 -6.08 18.75
N GLN A 285 -1.65 -7.32 19.04
CA GLN A 285 -2.49 -8.46 18.73
C GLN A 285 -3.69 -8.55 19.66
N TRP A 286 -3.60 -7.87 20.79
CA TRP A 286 -4.68 -7.88 21.78
C TRP A 286 -5.44 -6.56 21.74
N THR A 287 -5.15 -5.74 20.73
CA THR A 287 -5.84 -4.48 20.52
C THR A 287 -6.19 -4.27 19.05
N LEU A 288 -5.19 -3.86 18.26
CA LEU A 288 -5.37 -3.59 16.84
C LEU A 288 -5.94 -4.78 16.07
N LEU A 289 -5.48 -5.98 16.41
CA LEU A 289 -5.92 -7.20 15.72
C LEU A 289 -7.41 -7.42 15.90
N ILE A 290 -7.90 -7.26 17.12
CA ILE A 290 -9.31 -7.46 17.41
C ILE A 290 -10.15 -6.46 16.64
N GLY A 291 -9.74 -5.19 16.67
CA GLY A 291 -10.41 -4.16 15.91
C GLY A 291 -10.40 -4.44 14.42
N THR A 292 -9.27 -4.94 13.93
CA THR A 292 -9.11 -5.22 12.50
C THR A 292 -10.09 -6.27 11.99
N ILE A 293 -10.22 -7.39 12.69
CA ILE A 293 -11.11 -8.44 12.25
C ILE A 293 -12.59 -8.02 12.33
N ALA A 294 -12.93 -7.23 13.33
CA ALA A 294 -14.30 -6.75 13.47
C ALA A 294 -14.61 -5.70 12.40
N ILE A 295 -13.65 -4.84 12.12
CA ILE A 295 -13.79 -3.83 11.06
C ILE A 295 -13.93 -4.50 9.70
N ILE A 296 -13.01 -5.42 9.39
CA ILE A 296 -13.02 -6.15 8.13
C ILE A 296 -14.34 -6.91 7.94
N TYR A 297 -14.88 -7.45 9.03
CA TYR A 297 -16.16 -8.16 8.99
C TYR A 297 -17.28 -7.26 8.47
N SER A 298 -17.22 -5.97 8.78
CA SER A 298 -18.22 -5.02 8.29
C SER A 298 -17.91 -4.59 6.86
N ILE A 299 -16.63 -4.40 6.56
CA ILE A 299 -16.22 -3.94 5.24
C ILE A 299 -16.52 -4.96 4.15
N SER A 300 -16.13 -6.22 4.38
CA SER A 300 -16.31 -7.27 3.40
C SER A 300 -17.78 -7.57 3.10
N ALA A 301 -18.64 -7.23 4.04
CA ALA A 301 -20.07 -7.43 3.87
C ALA A 301 -20.72 -6.15 3.33
N PHE A 302 -19.94 -5.07 3.30
CA PHE A 302 -20.43 -3.74 2.95
C PHE A 302 -21.62 -3.32 3.82
N LYS A 303 -21.50 -3.55 5.12
CA LYS A 303 -22.60 -3.26 6.04
C LYS A 303 -22.13 -3.11 7.49
N LEU A 304 -22.69 -2.11 8.18
CA LEU A 304 -22.50 -1.94 9.62
C LEU A 304 -22.94 -3.22 10.32
N GLN A 305 -22.00 -3.95 10.90
CA GLN A 305 -22.32 -5.25 11.47
C GLN A 305 -21.38 -5.64 12.61
N SER A 306 -21.95 -6.31 13.62
CA SER A 306 -21.17 -6.84 14.73
C SER A 306 -20.69 -8.25 14.43
N LEU A 307 -19.48 -8.58 14.87
CA LEU A 307 -18.93 -9.92 14.67
C LEU A 307 -19.48 -10.84 15.76
N PRO A 308 -20.33 -11.80 15.36
CA PRO A 308 -20.99 -12.68 16.34
C PRO A 308 -19.97 -13.55 17.07
N LEU A 309 -20.31 -13.93 18.29
CA LEU A 309 -19.47 -14.76 19.12
C LEU A 309 -20.34 -15.86 19.70
N ASP A 310 -20.20 -17.08 19.20
CA ASP A 310 -20.99 -18.20 19.69
C ASP A 310 -20.47 -18.67 21.05
N ALA A 311 -21.07 -19.73 21.58
CA ALA A 311 -20.66 -20.26 22.88
C ALA A 311 -19.17 -20.60 22.91
N ARG A 312 -18.72 -21.34 21.91
CA ARG A 312 -17.31 -21.74 21.80
C ARG A 312 -16.35 -20.54 21.76
N GLN A 313 -16.58 -19.62 20.83
CA GLN A 313 -15.68 -18.49 20.66
C GLN A 313 -15.67 -17.52 21.85
N SER A 314 -16.81 -17.41 22.53
CA SER A 314 -16.91 -16.57 23.73
C SER A 314 -16.03 -17.14 24.84
N GLU A 315 -16.03 -18.47 24.96
CA GLU A 315 -15.18 -19.14 25.93
C GLU A 315 -13.71 -18.93 25.56
N GLU A 316 -13.41 -18.96 24.26
CA GLU A 316 -12.05 -18.75 23.79
C GLU A 316 -11.55 -17.36 24.13
N VAL A 317 -12.41 -16.36 23.93
CA VAL A 317 -12.06 -14.98 24.24
C VAL A 317 -11.88 -14.80 25.75
N LEU A 318 -12.79 -15.38 26.51
CA LEU A 318 -12.72 -15.36 27.98
C LEU A 318 -11.42 -16.00 28.46
N LEU A 319 -11.08 -17.15 27.88
CA LEU A 319 -9.86 -17.87 28.23
C LEU A 319 -8.65 -17.00 27.90
N THR A 320 -8.69 -16.35 26.74
CA THR A 320 -7.59 -15.51 26.29
C THR A 320 -7.44 -14.28 27.17
N ALA A 321 -8.57 -13.69 27.57
CA ALA A 321 -8.56 -12.55 28.46
C ALA A 321 -8.03 -12.96 29.83
N ALA A 322 -8.40 -14.15 30.27
CA ALA A 322 -7.95 -14.70 31.55
C ALA A 322 -6.44 -14.90 31.55
N GLN A 323 -5.92 -15.50 30.49
CA GLN A 323 -4.49 -15.68 30.34
C GLN A 323 -3.76 -14.34 30.31
N SER A 324 -4.41 -13.34 29.72
CA SER A 324 -3.81 -12.02 29.57
C SER A 324 -3.78 -11.27 30.89
N LEU A 325 -4.77 -11.51 31.74
CA LEU A 325 -4.79 -10.95 33.08
C LEU A 325 -3.60 -11.49 33.86
N PHE A 326 -3.42 -12.81 33.79
CA PHE A 326 -2.33 -13.48 34.45
C PHE A 326 -0.97 -13.00 33.91
N ALA A 327 -0.93 -12.72 32.61
CA ALA A 327 0.27 -12.19 31.98
C ALA A 327 0.62 -10.82 32.52
N VAL A 328 -0.37 -9.95 32.61
CA VAL A 328 -0.20 -8.60 33.18
C VAL A 328 0.34 -8.67 34.61
N ALA A 329 -0.26 -9.52 35.43
CA ALA A 329 0.12 -9.64 36.83
C ALA A 329 1.57 -10.09 36.99
N ILE A 330 2.02 -10.94 36.08
CA ILE A 330 3.39 -11.45 36.08
C ILE A 330 4.39 -10.37 35.70
N LEU A 331 4.01 -9.50 34.78
CA LEU A 331 4.90 -8.44 34.32
C LEU A 331 5.06 -7.29 35.32
N LEU A 332 4.18 -7.24 36.32
CA LEU A 332 4.15 -6.10 37.25
C LEU A 332 5.44 -5.87 38.04
N ASP A 333 6.14 -6.93 38.38
CA ASP A 333 7.40 -6.82 39.12
C ASP A 333 8.59 -6.53 38.19
N LEU A 334 8.29 -6.31 36.91
CA LEU A 334 9.31 -6.07 35.88
C LEU A 334 10.33 -7.19 35.80
N LYS A 335 9.89 -8.41 36.11
CA LYS A 335 10.75 -9.58 36.06
C LYS A 335 9.96 -10.81 35.64
N ILE A 336 10.61 -11.71 34.90
CA ILE A 336 9.98 -12.98 34.53
C ILE A 336 10.80 -14.14 35.10
N SER A 337 10.26 -14.79 36.13
CA SER A 337 10.96 -15.87 36.80
C SER A 337 10.67 -17.21 36.12
N TRP A 338 11.38 -18.24 36.56
CA TRP A 338 11.24 -19.57 35.97
C TRP A 338 9.90 -20.19 36.37
N LYS A 339 9.41 -19.85 37.56
CA LYS A 339 8.11 -20.31 38.01
C LYS A 339 7.01 -19.72 37.15
N GLU A 340 7.09 -18.41 36.92
CA GLU A 340 6.08 -17.71 36.12
C GLU A 340 6.10 -18.18 34.67
N ALA A 341 7.29 -18.35 34.10
CA ALA A 341 7.43 -18.85 32.74
C ALA A 341 6.90 -20.27 32.59
N SER A 342 7.25 -21.14 33.55
CA SER A 342 6.79 -22.52 33.52
C SER A 342 5.27 -22.59 33.71
N ALA A 343 4.75 -21.69 34.54
CA ALA A 343 3.30 -21.59 34.74
C ALA A 343 2.60 -21.21 33.45
N LEU A 344 3.15 -20.22 32.74
CA LEU A 344 2.61 -19.81 31.45
C LEU A 344 2.61 -20.96 30.45
N PHE A 345 3.68 -21.75 30.46
CA PHE A 345 3.80 -22.89 29.55
C PHE A 345 2.80 -24.00 29.88
N LEU A 346 2.84 -24.48 31.12
CA LEU A 346 1.99 -25.58 31.56
C LEU A 346 0.49 -25.29 31.42
N LEU A 347 0.06 -24.15 31.95
CA LEU A 347 -1.34 -23.77 31.90
C LEU A 347 -1.87 -23.66 30.47
N PHE A 348 -0.96 -23.35 29.54
CA PHE A 348 -1.32 -23.29 28.12
C PHE A 348 -1.49 -24.68 27.53
N ILE A 349 -0.45 -25.50 27.59
CA ILE A 349 -0.46 -26.81 26.96
C ILE A 349 -1.46 -27.78 27.58
N VAL A 350 -1.75 -27.60 28.86
CA VAL A 350 -2.76 -28.43 29.53
C VAL A 350 -4.12 -28.26 28.87
N GLN A 351 -4.46 -27.02 28.56
CA GLN A 351 -5.74 -26.71 27.91
C GLN A 351 -5.77 -27.27 26.51
N LEU A 352 -4.60 -27.31 25.88
CA LEU A 352 -4.47 -27.80 24.51
C LEU A 352 -4.48 -29.33 24.47
N LEU A 353 -3.92 -29.95 25.50
CA LEU A 353 -3.84 -31.41 25.57
C LEU A 353 -5.07 -32.04 26.25
N PHE A 354 -5.92 -31.19 26.83
CA PHE A 354 -7.17 -31.65 27.43
C PHE A 354 -8.32 -30.78 26.94
N PRO A 355 -8.88 -31.11 25.76
CA PRO A 355 -9.94 -30.31 25.15
C PRO A 355 -11.26 -30.42 25.93
N GLY A 356 -12.17 -29.48 25.70
CA GLY A 356 -13.47 -29.52 26.35
C GLY A 356 -13.87 -28.23 27.02
N VAL A 357 -15.18 -28.03 27.15
CA VAL A 357 -15.73 -26.81 27.76
C VAL A 357 -15.35 -26.73 29.24
N GLU A 358 -15.31 -27.87 29.90
CA GLU A 358 -14.97 -27.94 31.32
C GLU A 358 -13.59 -27.37 31.58
N VAL A 359 -12.63 -27.76 30.75
CA VAL A 359 -11.25 -27.32 30.91
C VAL A 359 -11.06 -25.83 30.61
N ARG A 360 -11.77 -25.34 29.61
CA ARG A 360 -11.70 -23.92 29.26
C ARG A 360 -12.12 -23.05 30.45
N TYR A 361 -13.18 -23.47 31.13
CA TYR A 361 -13.64 -22.72 32.31
C TYR A 361 -12.72 -22.91 33.52
N ILE A 362 -12.20 -24.12 33.70
CA ILE A 362 -11.29 -24.40 34.79
C ILE A 362 -10.02 -23.58 34.68
N ILE A 363 -9.39 -23.62 33.51
CA ILE A 363 -8.16 -22.88 33.27
C ILE A 363 -8.40 -21.37 33.33
N SER A 364 -9.56 -20.93 32.83
CA SER A 364 -9.96 -19.52 32.95
C SER A 364 -10.00 -19.11 34.42
N ALA A 365 -10.67 -19.91 35.24
CA ALA A 365 -10.77 -19.65 36.67
C ALA A 365 -9.40 -19.61 37.34
N ILE A 366 -8.53 -20.54 36.97
CA ILE A 366 -7.19 -20.62 37.54
C ILE A 366 -6.35 -19.38 37.20
N TYR A 367 -6.37 -18.97 35.93
CA TYR A 367 -5.69 -17.76 35.49
C TYR A 367 -6.12 -16.56 36.35
N ILE A 368 -7.42 -16.38 36.47
CA ILE A 368 -7.97 -15.25 37.21
C ILE A 368 -7.65 -15.33 38.69
N ILE A 369 -7.87 -16.50 39.29
CA ILE A 369 -7.65 -16.66 40.72
C ILE A 369 -6.16 -16.55 41.08
N LEU A 370 -5.29 -17.03 40.21
CA LEU A 370 -3.85 -16.85 40.38
C LEU A 370 -3.45 -15.37 40.30
N SER A 371 -4.16 -14.62 39.46
CA SER A 371 -3.85 -13.22 39.23
C SER A 371 -4.11 -12.34 40.45
N LEU A 372 -5.23 -12.58 41.12
CA LEU A 372 -5.71 -11.70 42.19
C LEU A 372 -4.75 -11.45 43.38
N PRO A 373 -4.09 -12.51 43.91
CA PRO A 373 -3.17 -12.22 45.02
C PRO A 373 -1.97 -11.41 44.55
N ILE A 374 -1.51 -11.69 43.34
CA ILE A 374 -0.39 -10.96 42.75
C ILE A 374 -0.77 -9.51 42.54
N LEU A 375 -1.92 -9.27 41.89
CA LEU A 375 -2.41 -7.92 41.66
C LEU A 375 -2.58 -7.16 42.98
N PHE A 376 -3.00 -7.86 44.03
CA PHE A 376 -3.22 -7.24 45.32
C PHE A 376 -1.92 -6.95 46.06
N ALA A 377 -0.92 -7.80 45.86
CA ALA A 377 0.38 -7.60 46.52
C ALA A 377 1.25 -6.61 45.75
N LYS A 378 0.96 -6.41 44.47
CA LYS A 378 1.75 -5.53 43.63
C LYS A 378 0.93 -4.32 43.19
N ARG A 379 0.03 -3.87 44.06
CA ARG A 379 -0.87 -2.76 43.72
C ARG A 379 -0.12 -1.46 43.49
N LYS A 380 1.05 -1.31 44.12
CA LYS A 380 1.88 -0.13 43.91
C LYS A 380 2.45 -0.13 42.50
N GLU A 381 2.67 -1.33 41.95
CA GLU A 381 3.22 -1.46 40.61
C GLU A 381 2.18 -1.08 39.55
N ILE A 382 0.91 -1.31 39.87
CA ILE A 382 -0.18 -0.90 38.99
C ILE A 382 -0.32 0.61 39.03
N VAL A 383 -0.22 1.18 40.23
CA VAL A 383 -0.21 2.63 40.40
C VAL A 383 0.97 3.24 39.65
N GLU A 384 2.13 2.61 39.76
CA GLU A 384 3.32 3.07 39.06
C GLU A 384 3.14 3.07 37.54
N SER A 385 2.54 1.99 37.04
CA SER A 385 2.22 1.87 35.61
C SER A 385 1.28 2.98 35.16
N PHE A 386 0.42 3.41 36.08
CA PHE A 386 -0.51 4.50 35.81
C PHE A 386 0.24 5.83 35.73
N ARG A 387 1.24 5.99 36.58
CA ARG A 387 2.04 7.22 36.61
C ARG A 387 3.00 7.33 35.43
N THR A 388 3.45 6.18 34.92
CA THR A 388 4.29 6.15 33.74
C THR A 388 3.56 6.76 32.55
N VAL A 389 2.29 6.38 32.40
CA VAL A 389 1.46 6.92 31.33
C VAL A 389 1.14 8.39 31.59
N LYS A 390 0.98 8.73 32.87
CA LYS A 390 0.70 10.11 33.25
C LYS A 390 1.87 11.05 32.90
N ARG A 391 3.09 10.53 33.00
CA ARG A 391 4.27 11.33 32.66
C ARG A 391 4.44 11.51 31.15
N LEU A 392 4.19 10.44 30.40
CA LEU A 392 4.35 10.48 28.94
C LEU A 392 3.40 11.49 28.29
N ILE A 393 2.24 11.69 28.92
CA ILE A 393 1.26 12.64 28.41
C ILE A 393 1.73 14.07 28.60
N SER A 394 2.30 14.36 29.77
CA SER A 394 2.75 15.71 30.10
C SER A 394 4.23 15.92 29.87
N LEU A 395 4.79 15.22 28.88
CA LEU A 395 6.20 15.34 28.56
C LEU A 395 6.53 16.73 28.02
N GLU A 396 5.73 17.18 27.06
CA GLU A 396 5.91 18.50 26.47
C GLU A 396 4.88 19.49 27.01
N ASP B 2 1.73 -15.36 -40.01
CA ASP B 2 2.75 -15.80 -39.07
C ASP B 2 3.09 -14.70 -38.07
N PHE B 3 2.22 -13.70 -37.97
CA PHE B 3 2.40 -12.59 -37.06
C PHE B 3 3.69 -11.83 -37.31
N THR B 4 4.03 -11.65 -38.58
CA THR B 4 5.29 -11.00 -38.95
C THR B 4 5.35 -9.56 -38.44
N LYS B 5 4.29 -8.81 -38.69
CA LYS B 5 4.22 -7.42 -38.25
C LYS B 5 4.29 -7.29 -36.74
N GLU B 6 3.54 -8.16 -36.04
CA GLU B 6 3.42 -8.08 -34.60
C GLU B 6 4.70 -8.48 -33.86
N LYS B 7 5.40 -9.48 -34.39
CA LYS B 7 6.68 -9.90 -33.84
C LYS B 7 7.67 -8.75 -33.94
N PHE B 8 7.70 -8.11 -35.11
CA PHE B 8 8.55 -6.96 -35.36
C PHE B 8 8.31 -5.87 -34.32
N GLN B 9 7.05 -5.46 -34.17
CA GLN B 9 6.69 -4.41 -33.22
C GLN B 9 7.17 -4.74 -31.82
N LEU B 10 6.85 -5.94 -31.36
CA LEU B 10 7.25 -6.39 -30.02
C LEU B 10 8.76 -6.38 -29.84
N LEU B 11 9.48 -6.91 -30.82
CA LEU B 11 10.92 -7.10 -30.72
C LEU B 11 11.71 -5.83 -31.04
N ALA B 12 11.15 -4.95 -31.87
CA ALA B 12 11.79 -3.68 -32.18
C ALA B 12 11.70 -2.74 -30.99
N ILE B 13 10.51 -2.66 -30.39
CA ILE B 13 10.30 -1.83 -29.21
C ILE B 13 11.05 -2.37 -28.00
N SER B 14 11.13 -3.69 -27.90
CA SER B 14 11.90 -4.34 -26.84
C SER B 14 13.39 -4.03 -26.97
N SER B 15 13.86 -3.92 -28.21
CA SER B 15 15.27 -3.62 -28.46
C SER B 15 15.62 -2.18 -28.15
N LEU B 16 14.62 -1.31 -28.18
CA LEU B 16 14.85 0.11 -27.93
C LEU B 16 15.19 0.45 -26.47
N THR B 17 15.09 -0.55 -25.59
CA THR B 17 15.52 -0.38 -24.20
C THR B 17 17.02 -0.59 -24.09
N LEU B 18 17.56 -1.41 -24.98
CA LEU B 18 18.96 -1.82 -24.91
C LEU B 18 20.00 -0.71 -24.94
N PRO B 19 19.88 0.26 -25.88
CA PRO B 19 20.92 1.31 -25.93
C PRO B 19 21.17 1.97 -24.58
N TRP B 20 20.11 2.30 -23.84
CA TRP B 20 20.31 2.90 -22.53
C TRP B 20 20.70 1.88 -21.45
N LEU B 21 20.06 0.72 -21.47
CA LEU B 21 20.36 -0.32 -20.48
C LEU B 21 21.81 -0.78 -20.54
N ILE B 22 22.34 -0.89 -21.75
CA ILE B 22 23.73 -1.29 -21.94
C ILE B 22 24.68 -0.18 -21.46
N SER B 23 24.35 1.07 -21.82
CA SER B 23 25.12 2.22 -21.36
C SER B 23 25.16 2.31 -19.84
N LEU B 24 24.06 1.89 -19.20
CA LEU B 24 23.95 1.91 -17.76
C LEU B 24 24.84 0.85 -17.13
N ALA B 25 24.77 -0.37 -17.65
CA ALA B 25 25.54 -1.49 -17.15
C ALA B 25 27.04 -1.23 -17.19
N PHE B 26 27.53 -0.69 -18.30
CA PHE B 26 28.94 -0.40 -18.45
C PHE B 26 29.28 1.04 -18.04
N ASN B 27 28.29 1.72 -17.48
CA ASN B 27 28.47 3.07 -16.95
C ASN B 27 29.01 4.07 -17.98
N TYR B 28 28.60 3.92 -19.24
CA TYR B 28 29.08 4.78 -20.31
C TYR B 28 28.46 6.18 -20.21
N HIS B 29 29.31 7.19 -20.21
CA HIS B 29 28.86 8.58 -20.09
C HIS B 29 28.61 9.23 -21.44
N HIS B 30 27.34 9.50 -21.73
CA HIS B 30 26.94 10.19 -22.94
C HIS B 30 26.80 11.68 -22.63
N PRO B 31 26.84 12.53 -23.67
CA PRO B 31 26.48 13.93 -23.41
C PRO B 31 25.00 14.03 -23.01
N ALA B 32 24.65 15.13 -22.36
CA ALA B 32 23.32 15.32 -21.78
C ALA B 32 22.15 15.00 -22.72
N LEU B 33 22.22 15.50 -23.95
CA LEU B 33 21.12 15.29 -24.90
C LEU B 33 20.97 13.81 -25.27
N THR B 34 22.09 13.15 -25.57
CA THR B 34 22.08 11.74 -25.95
C THR B 34 21.54 10.87 -24.80
N GLN B 35 21.98 11.17 -23.59
CA GLN B 35 21.51 10.45 -22.41
C GLN B 35 20.00 10.56 -22.27
N THR B 36 19.48 11.77 -22.50
CA THR B 36 18.05 12.03 -22.41
C THR B 36 17.26 11.23 -23.44
N LEU B 37 17.74 11.24 -24.68
CA LEU B 37 17.09 10.52 -25.77
C LEU B 37 17.05 9.01 -25.55
N LEU B 38 18.20 8.45 -25.17
CA LEU B 38 18.30 7.01 -24.99
C LEU B 38 17.47 6.52 -23.81
N SER B 39 17.57 7.21 -22.68
CA SER B 39 16.82 6.83 -21.49
C SER B 39 15.32 7.03 -21.68
N GLY B 40 14.95 8.18 -22.26
CA GLY B 40 13.55 8.45 -22.59
C GLY B 40 12.97 7.37 -23.47
N LEU B 41 13.76 6.96 -24.46
CA LEU B 41 13.35 5.89 -25.37
C LEU B 41 13.06 4.60 -24.60
N ALA B 42 13.90 4.31 -23.61
CA ALA B 42 13.73 3.14 -22.76
C ALA B 42 12.47 3.23 -21.90
N VAL B 43 12.17 4.42 -21.40
CA VAL B 43 11.01 4.62 -20.56
C VAL B 43 9.71 4.41 -21.34
N VAL B 44 9.62 5.01 -22.53
CA VAL B 44 8.41 4.90 -23.33
C VAL B 44 8.24 3.50 -23.95
N SER B 45 9.36 2.85 -24.27
CA SER B 45 9.31 1.50 -24.82
C SER B 45 8.81 0.52 -23.77
N ALA B 46 9.38 0.59 -22.57
CA ALA B 46 8.99 -0.27 -21.47
C ALA B 46 7.52 -0.09 -21.12
N SER B 47 7.01 1.12 -21.29
CA SER B 47 5.60 1.39 -21.03
C SER B 47 4.71 0.70 -22.06
N PHE B 48 5.16 0.66 -23.31
CA PHE B 48 4.45 -0.06 -24.36
C PHE B 48 4.41 -1.56 -24.07
N LEU B 49 5.52 -2.08 -23.53
CA LEU B 49 5.61 -3.49 -23.19
C LEU B 49 4.67 -3.84 -22.05
N ILE B 50 4.52 -2.90 -21.11
CA ILE B 50 3.65 -3.09 -19.95
C ILE B 50 2.17 -3.14 -20.35
N SER B 51 1.77 -2.26 -21.26
CA SER B 51 0.41 -2.27 -21.77
C SER B 51 0.10 -3.55 -22.52
N TRP B 52 1.06 -3.99 -23.33
CA TRP B 52 0.93 -5.23 -24.08
C TRP B 52 0.80 -6.43 -23.15
N ALA B 53 1.67 -6.50 -22.15
CA ALA B 53 1.65 -7.59 -21.17
C ALA B 53 0.33 -7.63 -20.40
N ALA B 54 -0.17 -6.45 -20.06
CA ALA B 54 -1.41 -6.34 -19.30
C ALA B 54 -2.63 -6.74 -20.13
N GLU B 55 -2.63 -6.37 -21.41
CA GLU B 55 -3.71 -6.73 -22.32
C GLU B 55 -3.73 -8.23 -22.56
N THR B 56 -2.55 -8.85 -22.55
CA THR B 56 -2.42 -10.29 -22.79
C THR B 56 -2.85 -11.06 -21.55
N ALA B 57 -2.50 -10.55 -20.38
CA ALA B 57 -2.84 -11.20 -19.11
C ALA B 57 -4.33 -11.16 -18.82
N GLU B 58 -5.08 -10.38 -19.62
CA GLU B 58 -6.53 -10.28 -19.47
C GLU B 58 -7.21 -11.64 -19.61
N PHE B 65 -9.14 -6.14 -18.83
CA PHE B 65 -8.37 -4.99 -19.27
C PHE B 65 -9.27 -3.77 -19.38
N SER B 66 -9.73 -3.29 -18.23
CA SER B 66 -10.61 -2.12 -18.16
C SER B 66 -9.97 -0.89 -18.80
N LEU B 67 -10.81 -0.05 -19.39
CA LEU B 67 -10.32 1.15 -20.09
C LEU B 67 -9.64 2.12 -19.14
N ALA B 68 -10.07 2.13 -17.89
CA ALA B 68 -9.46 2.99 -16.87
C ALA B 68 -8.03 2.54 -16.60
N ILE B 69 -7.83 1.23 -16.54
CA ILE B 69 -6.50 0.66 -16.41
C ILE B 69 -5.69 0.94 -17.68
N VAL B 70 -6.37 0.88 -18.83
CA VAL B 70 -5.72 1.18 -20.11
C VAL B 70 -5.23 2.62 -20.10
N ALA B 71 -6.05 3.51 -19.54
CA ALA B 71 -5.72 4.93 -19.50
C ALA B 71 -4.58 5.20 -18.50
N LEU B 72 -4.51 4.40 -17.44
CA LEU B 72 -3.48 4.55 -16.43
C LEU B 72 -2.13 4.03 -16.92
N LEU B 73 -2.14 2.85 -17.53
CA LEU B 73 -0.92 2.25 -18.03
C LEU B 73 -0.32 3.03 -19.19
N ALA B 74 -1.17 3.74 -19.93
CA ALA B 74 -0.73 4.53 -21.07
C ALA B 74 0.14 5.72 -20.64
N VAL B 75 -0.01 6.15 -19.39
CA VAL B 75 0.72 7.33 -18.92
C VAL B 75 1.72 7.00 -17.81
N LEU B 76 2.14 5.75 -17.76
CA LEU B 76 3.20 5.33 -16.82
C LEU B 76 4.49 6.17 -16.86
N PRO B 77 4.98 6.54 -18.06
CA PRO B 77 6.15 7.41 -18.08
C PRO B 77 5.96 8.70 -17.27
N GLU B 78 4.74 9.24 -17.30
CA GLU B 78 4.43 10.45 -16.53
C GLU B 78 4.51 10.20 -15.03
N TYR B 79 3.99 9.05 -14.59
CA TYR B 79 4.04 8.67 -13.18
C TYR B 79 5.47 8.45 -12.70
N ALA B 80 6.31 7.89 -13.57
CA ALA B 80 7.70 7.61 -13.22
C ALA B 80 8.52 8.91 -13.08
N VAL B 81 8.36 9.80 -14.04
CA VAL B 81 9.09 11.07 -14.02
C VAL B 81 8.65 11.94 -12.85
N ASP B 82 7.34 12.12 -12.70
CA ASP B 82 6.79 12.93 -11.62
C ASP B 82 7.13 12.29 -10.28
N GLY B 83 7.06 10.96 -10.22
CA GLY B 83 7.41 10.21 -9.02
C GLY B 83 8.87 10.41 -8.65
N TYR B 84 9.74 10.45 -9.65
CA TYR B 84 11.15 10.71 -9.42
C TYR B 84 11.36 12.10 -8.83
N PHE B 85 10.67 13.08 -9.37
CA PHE B 85 10.74 14.46 -8.87
C PHE B 85 10.24 14.53 -7.44
N ALA B 86 9.16 13.81 -7.16
CA ALA B 86 8.63 13.72 -5.81
C ALA B 86 9.63 13.00 -4.90
N TRP B 87 10.30 11.99 -5.44
CA TRP B 87 11.29 11.25 -4.68
C TRP B 87 12.47 12.14 -4.29
N LYS B 88 12.99 12.87 -5.26
CA LYS B 88 14.09 13.81 -5.01
C LYS B 88 13.68 14.94 -4.08
N ALA B 89 12.39 15.31 -4.14
CA ALA B 89 11.87 16.40 -3.31
C ALA B 89 11.99 16.05 -1.83
N GLY B 90 11.58 14.84 -1.47
CA GLY B 90 11.63 14.41 -0.08
C GLY B 90 13.02 13.99 0.35
N SER B 91 13.93 13.83 -0.60
CA SER B 91 15.29 13.38 -0.33
C SER B 91 16.27 14.53 -0.13
N VAL B 92 16.24 15.50 -1.04
CA VAL B 92 17.21 16.60 -1.02
C VAL B 92 16.52 17.96 -1.03
N GLY B 93 15.21 17.99 -1.28
CA GLY B 93 14.46 19.23 -1.32
C GLY B 93 14.83 20.08 -2.53
N GLY B 94 15.05 21.37 -2.28
CA GLY B 94 15.46 22.29 -3.32
C GLY B 94 14.38 22.52 -4.36
N GLU B 95 14.80 22.64 -5.62
CA GLU B 95 13.87 22.92 -6.70
C GLU B 95 12.96 21.73 -7.02
N TYR B 96 13.36 20.55 -6.59
CA TYR B 96 12.59 19.33 -6.84
C TYR B 96 11.18 19.41 -6.24
N VAL B 97 11.06 20.10 -5.10
CA VAL B 97 9.77 20.32 -4.46
C VAL B 97 8.81 21.02 -5.44
N HIS B 98 9.31 22.04 -6.12
CA HIS B 98 8.52 22.75 -7.11
C HIS B 98 8.31 21.90 -8.35
N TYR B 99 9.33 21.14 -8.74
CA TYR B 99 9.28 20.32 -9.95
C TYR B 99 8.16 19.28 -9.90
N ALA B 100 7.96 18.68 -8.74
CA ALA B 100 6.94 17.64 -8.58
C ALA B 100 5.55 18.17 -8.92
N THR B 101 5.23 19.36 -8.44
CA THR B 101 3.92 19.96 -8.69
C THR B 101 3.85 20.56 -10.09
N ALA B 102 4.96 21.16 -10.52
CA ALA B 102 5.06 21.78 -11.83
C ALA B 102 4.85 20.75 -12.94
N ASN B 103 5.43 19.58 -12.75
CA ASN B 103 5.31 18.49 -13.70
C ASN B 103 3.89 17.94 -13.75
N MET B 104 3.28 17.78 -12.57
CA MET B 104 1.93 17.29 -12.48
C MET B 104 0.96 18.24 -13.19
N THR B 105 1.10 19.54 -12.93
CA THR B 105 0.20 20.53 -13.50
C THR B 105 0.37 20.66 -15.00
N GLY B 106 1.62 20.58 -15.46
CA GLY B 106 1.90 20.67 -16.89
C GLY B 106 1.31 19.50 -17.66
N ALA B 107 1.49 18.30 -17.12
CA ALA B 107 0.94 17.11 -17.75
C ALA B 107 -0.58 17.17 -17.82
N ASN B 108 -1.21 17.57 -16.71
CA ASN B 108 -2.65 17.74 -16.67
C ASN B 108 -3.16 18.75 -17.70
N ARG B 109 -2.51 19.91 -17.78
CA ARG B 109 -2.96 20.98 -18.67
C ARG B 109 -2.69 20.69 -20.15
N LEU B 110 -1.54 20.10 -20.44
CA LEU B 110 -1.21 19.69 -21.80
C LEU B 110 -2.19 18.64 -22.31
N LEU B 111 -2.61 17.75 -21.41
CA LEU B 111 -3.50 16.66 -21.76
C LEU B 111 -4.84 17.19 -22.26
N ILE B 112 -5.36 18.21 -21.61
CA ILE B 112 -6.63 18.82 -22.02
C ILE B 112 -6.42 19.85 -23.12
N GLY B 113 -5.43 20.72 -22.94
CA GLY B 113 -5.17 21.79 -23.88
C GLY B 113 -4.73 21.32 -25.25
N ILE B 114 -3.88 20.31 -25.30
CA ILE B 114 -3.37 19.78 -26.55
C ILE B 114 -3.97 18.43 -26.88
N GLY B 115 -3.93 17.51 -25.92
CA GLY B 115 -4.45 16.16 -26.11
C GLY B 115 -5.92 16.10 -26.48
N TRP B 116 -6.79 16.65 -25.63
CA TRP B 116 -8.22 16.63 -25.90
C TRP B 116 -8.58 17.38 -27.18
N SER B 117 -7.96 18.54 -27.38
CA SER B 117 -8.30 19.42 -28.49
C SER B 117 -7.82 18.90 -29.85
N LEU B 118 -6.57 18.45 -29.91
CA LEU B 118 -6.01 17.94 -31.15
C LEU B 118 -6.72 16.66 -31.59
N VAL B 119 -6.94 15.75 -30.64
CA VAL B 119 -7.60 14.50 -30.95
C VAL B 119 -9.06 14.74 -31.37
N ALA B 120 -9.71 15.70 -30.73
CA ALA B 120 -11.08 16.06 -31.10
C ALA B 120 -11.16 16.58 -32.53
N PHE B 121 -10.18 17.40 -32.94
CA PHE B 121 -10.16 17.95 -34.28
C PHE B 121 -9.85 16.90 -35.35
N ILE B 122 -8.89 16.02 -35.07
CA ILE B 122 -8.60 14.91 -35.96
C ILE B 122 -9.82 14.02 -36.09
N ALA B 123 -10.56 13.86 -35.00
CA ALA B 123 -11.79 13.09 -35.01
C ALA B 123 -12.88 13.78 -35.83
N PHE B 124 -12.91 15.10 -35.80
CA PHE B 124 -13.89 15.87 -36.57
C PHE B 124 -13.72 15.59 -38.06
N ARG B 125 -12.47 15.63 -38.53
CA ARG B 125 -12.16 15.41 -39.94
C ARG B 125 -12.36 13.95 -40.32
N THR B 126 -12.03 13.04 -39.41
CA THR B 126 -12.19 11.62 -39.66
C THR B 126 -13.66 11.23 -39.75
N LEU B 127 -14.48 11.85 -38.92
CA LEU B 127 -15.91 11.55 -38.88
C LEU B 127 -16.70 12.49 -39.80
N LYS B 128 -16.00 13.46 -40.40
CA LYS B 128 -16.62 14.47 -41.23
C LYS B 128 -17.75 15.18 -40.49
N SER B 129 -17.52 15.49 -39.22
CA SER B 129 -18.53 16.08 -38.37
C SER B 129 -18.01 17.34 -37.68
N LYS B 130 -18.93 18.13 -37.13
CA LYS B 130 -18.57 19.35 -36.42
C LYS B 130 -18.45 19.11 -34.92
N GLU B 131 -18.82 17.89 -34.51
CA GLU B 131 -18.75 17.52 -33.10
C GLU B 131 -18.45 16.03 -32.95
N VAL B 132 -18.13 15.62 -31.72
CA VAL B 132 -17.89 14.22 -31.42
C VAL B 132 -18.77 13.77 -30.24
N GLU B 133 -19.59 12.76 -30.47
CA GLU B 133 -20.46 12.22 -29.42
C GLU B 133 -19.68 11.41 -28.40
N LEU B 134 -19.98 11.62 -27.13
CA LEU B 134 -19.36 10.87 -26.04
C LEU B 134 -20.31 9.83 -25.51
N ASP B 135 -19.77 8.70 -25.06
CA ASP B 135 -20.57 7.63 -24.49
C ASP B 135 -21.23 8.07 -23.19
N ASP B 136 -22.36 7.46 -22.85
CA ASP B 136 -23.08 7.78 -21.62
C ASP B 136 -22.25 7.45 -20.38
N GLY B 137 -21.36 6.48 -20.52
CA GLY B 137 -20.53 6.04 -19.41
C GLY B 137 -19.61 7.13 -18.88
N ILE B 138 -19.32 8.12 -19.73
CA ILE B 138 -18.50 9.26 -19.37
C ILE B 138 -19.02 10.00 -18.12
N ARG B 139 -20.31 9.87 -17.83
CA ARG B 139 -20.90 10.41 -16.61
C ARG B 139 -20.16 9.97 -15.35
N LEU B 140 -19.60 8.76 -15.38
CA LEU B 140 -18.80 8.23 -14.28
C LEU B 140 -17.58 9.11 -14.03
N GLU B 141 -16.74 9.26 -15.05
CA GLU B 141 -15.53 10.06 -14.95
C GLU B 141 -15.84 11.53 -14.68
N ILE B 142 -16.94 12.03 -15.27
CA ILE B 142 -17.37 13.39 -15.04
C ILE B 142 -17.62 13.67 -13.56
N PHE B 143 -18.25 12.71 -12.90
CA PHE B 143 -18.56 12.83 -11.48
C PHE B 143 -17.29 12.99 -10.64
N PHE B 144 -16.33 12.10 -10.87
CA PHE B 144 -15.09 12.11 -10.08
C PHE B 144 -14.16 13.27 -10.44
N LEU B 145 -14.25 13.75 -11.67
CA LEU B 145 -13.50 14.94 -12.07
C LEU B 145 -14.03 16.15 -11.34
N PHE B 146 -15.35 16.18 -11.13
CA PHE B 146 -15.98 17.23 -10.35
C PHE B 146 -15.48 17.23 -8.90
N LEU B 147 -15.54 16.06 -8.27
CA LEU B 147 -15.12 15.91 -6.88
C LEU B 147 -13.64 16.24 -6.71
N ALA B 148 -12.81 15.78 -7.63
CA ALA B 148 -11.38 16.01 -7.56
C ALA B 148 -11.05 17.47 -7.80
N THR B 149 -11.78 18.11 -8.70
CA THR B 149 -11.56 19.53 -9.00
C THR B 149 -11.92 20.41 -7.81
N LEU B 150 -13.10 20.17 -7.25
CA LEU B 150 -13.56 20.92 -6.07
C LEU B 150 -12.61 20.78 -4.89
N TYR B 151 -12.06 19.59 -4.69
CA TYR B 151 -11.15 19.34 -3.59
C TYR B 151 -9.78 19.97 -3.84
N ALA B 152 -9.38 20.02 -5.11
CA ALA B 152 -8.11 20.60 -5.49
C ALA B 152 -8.12 22.11 -5.27
N PHE B 153 -9.30 22.72 -5.37
CA PHE B 153 -9.46 24.16 -5.12
C PHE B 153 -9.08 24.54 -3.70
N THR B 154 -9.14 23.59 -2.78
CA THR B 154 -8.82 23.85 -1.38
C THR B 154 -7.31 23.83 -1.14
N LEU B 155 -6.55 23.40 -2.14
CA LEU B 155 -5.10 23.27 -2.01
C LEU B 155 -4.30 24.59 -2.06
N PRO B 156 -4.60 25.48 -3.03
CA PRO B 156 -3.81 26.73 -3.06
C PRO B 156 -4.00 27.59 -1.82
N LEU B 157 -5.12 27.39 -1.12
CA LEU B 157 -5.41 28.15 0.09
C LEU B 157 -4.53 27.68 1.24
N LYS B 158 -4.41 26.36 1.38
CA LYS B 158 -3.62 25.75 2.45
C LYS B 158 -2.13 26.03 2.27
N GLY B 159 -1.66 26.01 1.03
CA GLY B 159 -0.25 26.22 0.75
C GLY B 159 0.55 24.92 0.81
N HIS B 160 -0.16 23.79 0.77
CA HIS B 160 0.47 22.48 0.81
C HIS B 160 -0.50 21.37 0.41
N ILE B 161 0.03 20.16 0.23
CA ILE B 161 -0.79 18.98 -0.02
C ILE B 161 -0.52 17.94 1.08
N SER B 162 -1.43 17.84 2.03
CA SER B 162 -1.26 16.99 3.20
C SER B 162 -1.37 15.51 2.84
N PRO B 163 -0.81 14.64 3.69
CA PRO B 163 -0.96 13.19 3.51
C PRO B 163 -2.44 12.77 3.51
N PHE B 164 -3.27 13.51 4.23
CA PHE B 164 -4.71 13.24 4.24
C PHE B 164 -5.32 13.58 2.87
N ASP B 165 -4.90 14.69 2.28
CA ASP B 165 -5.33 15.06 0.94
C ASP B 165 -4.94 13.95 -0.04
N ALA B 166 -3.72 13.43 0.11
CA ALA B 166 -3.25 12.32 -0.71
C ALA B 166 -4.17 11.11 -0.59
N LEU B 167 -4.57 10.81 0.64
CA LEU B 167 -5.49 9.69 0.89
C LEU B 167 -6.84 9.95 0.23
N VAL B 168 -7.29 11.20 0.28
CA VAL B 168 -8.55 11.58 -0.36
C VAL B 168 -8.48 11.38 -1.88
N PHE B 169 -7.43 11.90 -2.50
CA PHE B 169 -7.24 11.78 -3.94
C PHE B 169 -7.10 10.33 -4.40
N VAL B 170 -6.39 9.52 -3.62
CA VAL B 170 -6.21 8.11 -3.96
C VAL B 170 -7.50 7.32 -3.76
N SER B 171 -8.24 7.66 -2.71
CA SER B 171 -9.52 7.03 -2.44
C SER B 171 -10.51 7.32 -3.56
N LEU B 172 -10.47 8.55 -4.08
CA LEU B 172 -11.32 8.92 -5.19
C LEU B 172 -11.05 8.02 -6.39
N TYR B 173 -9.78 7.81 -6.71
CA TYR B 173 -9.42 6.98 -7.84
C TYR B 173 -9.77 5.51 -7.60
N ALA B 174 -9.63 5.07 -6.34
CA ALA B 174 -9.93 3.69 -5.99
C ALA B 174 -11.43 3.38 -6.18
N ILE B 175 -12.27 4.32 -5.76
CA ILE B 175 -13.71 4.17 -5.93
C ILE B 175 -14.08 4.24 -7.41
N TYR B 176 -13.41 5.14 -8.14
CA TYR B 176 -13.61 5.27 -9.58
C TYR B 176 -13.28 3.98 -10.32
N ILE B 177 -12.14 3.40 -10.00
CA ILE B 177 -11.73 2.13 -10.61
C ILE B 177 -12.74 1.02 -10.32
N TYR B 178 -13.14 0.93 -9.06
CA TYR B 178 -14.10 -0.07 -8.61
C TYR B 178 -15.41 -0.01 -9.39
N LEU B 179 -15.98 1.18 -9.49
CA LEU B 179 -17.21 1.39 -10.24
C LEU B 179 -16.99 1.22 -11.73
N SER B 180 -15.76 1.47 -12.18
CA SER B 180 -15.42 1.36 -13.60
C SER B 180 -15.50 -0.10 -14.07
N THR B 181 -15.39 -1.02 -13.12
CA THR B 181 -15.48 -2.45 -13.43
C THR B 181 -16.93 -2.88 -13.54
N LYS B 182 -17.81 -2.18 -12.83
CA LYS B 182 -19.24 -2.46 -12.83
C LYS B 182 -19.89 -2.03 -14.14
N ALA B 183 -19.31 -1.01 -14.77
CA ALA B 183 -19.84 -0.51 -16.04
C ALA B 183 -19.60 -1.51 -17.16
N GLU B 184 -20.50 -1.54 -18.13
CA GLU B 184 -20.40 -2.48 -19.25
C GLU B 184 -19.23 -2.13 -20.16
N ARG B 185 -18.57 -3.16 -20.67
CA ARG B 185 -17.46 -2.97 -21.59
C ARG B 185 -17.96 -2.55 -22.97
N GLU B 186 -17.06 -2.04 -23.80
CA GLU B 186 -17.41 -1.57 -25.13
C GLU B 186 -17.85 -2.73 -26.04
N GLU B 189 -9.00 -4.35 -29.95
CA GLU B 189 -8.78 -5.46 -29.02
C GLU B 189 -9.48 -6.72 -29.50
N VAL B 190 -8.73 -7.82 -29.57
CA VAL B 190 -7.31 -7.83 -29.21
C VAL B 190 -6.42 -7.85 -30.44
N GLY B 191 -5.50 -6.90 -30.51
CA GLY B 191 -4.57 -6.81 -31.63
C GLY B 191 -3.55 -5.71 -31.42
N GLY B 192 -2.30 -5.96 -31.84
CA GLY B 192 -1.94 -7.21 -32.47
C GLY B 192 -0.91 -7.97 -31.66
N VAL B 193 -0.01 -7.23 -31.00
CA VAL B 193 1.02 -7.83 -30.17
C VAL B 193 0.41 -8.72 -29.06
N PRO B 194 -0.61 -8.22 -28.34
CA PRO B 194 -1.26 -9.14 -27.39
C PRO B 194 -1.91 -10.34 -28.08
N ALA B 195 -2.37 -10.16 -29.31
CA ALA B 195 -2.97 -11.28 -30.06
C ALA B 195 -1.91 -12.32 -30.41
N TYR B 196 -0.75 -11.85 -30.84
CA TYR B 196 0.39 -12.74 -31.07
C TYR B 196 0.77 -13.50 -29.80
N LEU B 197 0.86 -12.78 -28.69
CA LEU B 197 1.20 -13.39 -27.41
C LEU B 197 0.18 -14.45 -27.00
N CYS B 198 -1.08 -14.21 -27.33
CA CYS B 198 -2.14 -15.14 -26.98
C CYS B 198 -2.13 -16.38 -27.88
N SER B 199 -1.49 -16.26 -29.04
CA SER B 199 -1.38 -17.37 -29.99
C SER B 199 -0.32 -18.36 -29.56
N LEU B 200 0.62 -17.92 -28.73
CA LEU B 200 1.66 -18.80 -28.23
C LEU B 200 1.07 -19.84 -27.27
N LYS B 201 1.84 -20.89 -27.00
CA LYS B 201 1.43 -21.90 -26.03
C LYS B 201 1.23 -21.26 -24.66
N THR B 202 0.34 -21.84 -23.87
CA THR B 202 -0.01 -21.30 -22.55
C THR B 202 1.20 -21.12 -21.64
N GLU B 203 2.14 -22.06 -21.71
CA GLU B 203 3.35 -21.97 -20.90
C GLU B 203 4.22 -20.81 -21.38
N THR B 204 4.42 -20.75 -22.69
CA THR B 204 5.20 -19.68 -23.31
C THR B 204 4.58 -18.31 -23.06
N ARG B 205 3.26 -18.23 -23.20
CA ARG B 205 2.54 -16.97 -23.01
C ARG B 205 2.75 -16.41 -21.61
N ARG B 206 2.42 -17.20 -20.59
CA ARG B 206 2.54 -16.77 -19.21
C ARG B 206 3.98 -16.43 -18.85
N LEU B 207 4.92 -17.16 -19.44
CA LEU B 207 6.34 -16.89 -19.26
C LEU B 207 6.70 -15.53 -19.85
N SER B 208 6.12 -15.24 -21.02
CA SER B 208 6.39 -13.98 -21.70
C SER B 208 5.86 -12.78 -20.92
N VAL B 209 4.62 -12.87 -20.42
CA VAL B 209 4.01 -11.74 -19.73
C VAL B 209 4.66 -11.42 -18.39
N VAL B 210 5.25 -12.42 -17.73
CA VAL B 210 5.95 -12.18 -16.48
C VAL B 210 7.26 -11.48 -16.76
N VAL B 211 8.01 -12.00 -17.72
CA VAL B 211 9.27 -11.40 -18.15
C VAL B 211 9.05 -9.96 -18.58
N LEU B 212 8.04 -9.74 -19.42
CA LEU B 212 7.72 -8.42 -19.93
C LEU B 212 7.41 -7.41 -18.81
N PHE B 213 6.63 -7.84 -17.82
CA PHE B 213 6.30 -7.01 -16.67
C PHE B 213 7.55 -6.67 -15.87
N LEU B 214 8.35 -7.70 -15.58
CA LEU B 214 9.55 -7.55 -14.76
C LEU B 214 10.64 -6.75 -15.47
N PHE B 215 10.87 -7.07 -16.75
CA PHE B 215 11.89 -6.39 -17.54
C PHE B 215 11.55 -4.91 -17.75
N ALA B 216 10.33 -4.64 -18.19
CA ALA B 216 9.89 -3.27 -18.43
C ALA B 216 9.81 -2.48 -17.14
N GLY B 217 9.36 -3.14 -16.07
CA GLY B 217 9.27 -2.50 -14.76
C GLY B 217 10.65 -2.17 -14.23
N PHE B 218 11.61 -3.05 -14.48
CA PHE B 218 13.00 -2.84 -14.12
C PHE B 218 13.58 -1.67 -14.93
N THR B 219 13.32 -1.68 -16.24
CA THR B 219 13.86 -0.69 -17.15
C THR B 219 13.42 0.74 -16.79
N ILE B 220 12.13 0.92 -16.52
CA ILE B 220 11.60 2.24 -16.18
C ILE B 220 12.31 2.85 -14.99
N LEU B 221 12.45 2.06 -13.91
CA LEU B 221 13.10 2.54 -12.70
C LEU B 221 14.60 2.81 -12.90
N MET B 222 15.22 2.08 -13.82
CA MET B 222 16.65 2.25 -14.09
C MET B 222 16.91 3.39 -15.09
N SER B 223 15.86 3.93 -15.68
CA SER B 223 16.02 4.90 -16.76
C SER B 223 15.49 6.29 -16.42
N VAL B 224 14.65 6.37 -15.40
CA VAL B 224 13.90 7.59 -15.12
C VAL B 224 14.76 8.76 -14.62
N GLU B 225 15.71 8.46 -13.72
CA GLU B 225 16.59 9.49 -13.20
C GLU B 225 17.43 10.10 -14.31
N ALA B 226 17.91 9.25 -15.21
CA ALA B 226 18.80 9.67 -16.28
C ALA B 226 18.04 10.51 -17.30
N PHE B 227 16.78 10.16 -17.54
CA PHE B 227 15.96 10.97 -18.41
C PHE B 227 15.68 12.33 -17.79
N SER B 228 15.27 12.34 -16.52
CA SER B 228 14.88 13.57 -15.82
C SER B 228 16.05 14.53 -15.61
N GLU B 229 17.17 13.99 -15.13
CA GLU B 229 18.36 14.80 -14.89
C GLU B 229 19.01 15.16 -16.21
N GLY B 230 18.95 14.24 -17.16
CA GLY B 230 19.48 14.48 -18.48
C GLY B 230 18.75 15.64 -19.14
N LEU B 231 17.45 15.67 -18.92
CA LEU B 231 16.60 16.71 -19.50
C LEU B 231 16.93 18.06 -18.86
N LEU B 232 17.07 18.06 -17.53
CA LEU B 232 17.42 19.27 -16.78
C LEU B 232 18.77 19.84 -17.21
N GLU B 233 19.75 18.97 -17.36
CA GLU B 233 21.09 19.39 -17.77
C GLU B 233 21.10 19.92 -19.21
N THR B 234 20.41 19.20 -20.09
CA THR B 234 20.27 19.61 -21.49
C THR B 234 19.64 21.01 -21.56
N ALA B 235 18.66 21.27 -20.69
CA ALA B 235 17.99 22.55 -20.63
C ALA B 235 18.93 23.66 -20.14
N ARG B 236 19.68 23.37 -19.08
CA ARG B 236 20.66 24.32 -18.56
C ARG B 236 21.72 24.70 -19.59
N ILE B 237 22.17 23.72 -20.36
CA ILE B 237 23.16 23.94 -21.41
C ILE B 237 22.61 24.86 -22.50
N ALA B 238 21.36 24.62 -22.88
CA ALA B 238 20.72 25.39 -23.94
C ALA B 238 20.23 26.74 -23.45
N GLY B 239 20.36 26.99 -22.16
CA GLY B 239 19.91 28.24 -21.57
C GLY B 239 18.41 28.30 -21.46
N ILE B 240 17.79 27.12 -21.42
CA ILE B 240 16.34 27.02 -21.23
C ILE B 240 16.00 26.85 -19.75
N ASP B 241 15.05 27.66 -19.28
CA ASP B 241 14.59 27.59 -17.90
C ASP B 241 14.15 26.18 -17.50
N GLU B 242 14.57 25.75 -16.32
CA GLU B 242 14.25 24.40 -15.84
C GLU B 242 12.75 24.15 -15.70
N PHE B 243 12.01 25.15 -15.21
CA PHE B 243 10.57 25.03 -15.04
C PHE B 243 9.84 24.75 -16.35
N LEU B 244 10.32 25.35 -17.43
CA LEU B 244 9.76 25.11 -18.75
C LEU B 244 9.97 23.66 -19.15
N ALA B 245 11.14 23.13 -18.83
CA ALA B 245 11.49 21.76 -19.20
C ALA B 245 10.77 20.73 -18.35
N VAL B 246 10.64 21.04 -17.06
CA VAL B 246 9.94 20.17 -16.12
C VAL B 246 8.44 20.15 -16.37
N GLN B 247 7.85 21.32 -16.61
CA GLN B 247 6.40 21.45 -16.74
C GLN B 247 5.89 21.13 -18.14
N TRP B 248 6.68 21.41 -19.17
CA TRP B 248 6.20 21.28 -20.54
C TRP B 248 6.93 20.24 -21.38
N ILE B 249 8.26 20.30 -21.42
CA ILE B 249 9.03 19.40 -22.26
C ILE B 249 8.92 17.94 -21.81
N ALA B 250 9.18 17.69 -20.53
CA ALA B 250 9.10 16.34 -19.99
C ALA B 250 7.72 15.66 -20.18
N PRO B 251 6.61 16.35 -19.86
CA PRO B 251 5.34 15.68 -20.13
C PRO B 251 5.12 15.44 -21.62
N LEU B 252 5.53 16.39 -22.46
CA LEU B 252 5.39 16.25 -23.90
C LEU B 252 6.20 15.05 -24.40
N ALA B 253 7.48 15.03 -24.08
CA ALA B 253 8.38 13.99 -24.55
C ALA B 253 7.97 12.60 -24.07
N SER B 254 7.36 12.53 -22.88
CA SER B 254 7.03 11.25 -22.29
C SER B 254 5.60 10.78 -22.57
N GLU B 255 4.76 11.67 -23.09
CA GLU B 255 3.37 11.32 -23.38
C GLU B 255 2.99 11.43 -24.87
N SER B 256 3.81 12.12 -25.65
CA SER B 256 3.57 12.25 -27.09
C SER B 256 3.47 10.93 -27.87
N PRO B 257 4.39 9.97 -27.62
CA PRO B 257 4.25 8.71 -28.35
C PRO B 257 2.87 8.08 -28.16
N GLU B 258 2.36 8.13 -26.94
CA GLU B 258 1.04 7.57 -26.64
C GLU B 258 -0.09 8.39 -27.24
N LEU B 259 0.12 9.69 -27.36
CA LEU B 259 -0.86 10.57 -28.00
C LEU B 259 -1.00 10.18 -29.47
N ILE B 260 0.13 9.87 -30.10
CA ILE B 260 0.14 9.44 -31.49
C ILE B 260 -0.61 8.13 -31.65
N VAL B 261 -0.48 7.25 -30.64
CA VAL B 261 -1.24 6.01 -30.63
C VAL B 261 -2.74 6.31 -30.59
N ALA B 262 -3.12 7.33 -29.83
CA ALA B 262 -4.51 7.72 -29.71
C ALA B 262 -5.09 8.21 -31.04
N ILE B 263 -4.34 9.05 -31.76
CA ILE B 263 -4.80 9.55 -33.05
C ILE B 263 -4.85 8.41 -34.07
N TYR B 264 -4.02 7.41 -33.87
CA TYR B 264 -3.96 6.25 -34.76
C TYR B 264 -5.28 5.49 -34.70
N PHE B 265 -5.80 5.31 -33.49
CA PHE B 265 -7.08 4.63 -33.31
C PHE B 265 -8.24 5.46 -33.82
N VAL B 266 -8.10 6.78 -33.73
CA VAL B 266 -9.13 7.69 -34.23
C VAL B 266 -9.28 7.62 -35.74
N ARG B 267 -8.16 7.67 -36.46
CA ARG B 267 -8.19 7.59 -37.91
C ARG B 267 -8.60 6.19 -38.39
N ARG B 268 -8.60 5.23 -37.48
CA ARG B 268 -9.11 3.89 -37.76
C ARG B 268 -10.55 3.76 -37.29
N PHE B 269 -11.21 4.91 -37.14
CA PHE B 269 -12.63 5.00 -36.81
C PHE B 269 -12.98 4.41 -35.43
N ARG B 270 -12.03 4.46 -34.50
CA ARG B 270 -12.27 4.05 -33.13
C ARG B 270 -12.29 5.28 -32.22
N VAL B 271 -13.14 6.24 -32.57
CA VAL B 271 -13.16 7.54 -31.91
C VAL B 271 -13.53 7.49 -30.42
N SER B 272 -14.63 6.83 -30.10
CA SER B 272 -15.09 6.76 -28.71
C SER B 272 -14.04 6.16 -27.77
N ALA B 273 -13.36 5.11 -28.24
CA ALA B 273 -12.37 4.42 -27.43
C ALA B 273 -11.18 5.31 -27.09
N SER B 274 -10.79 6.16 -28.03
CA SER B 274 -9.68 7.09 -27.81
C SER B 274 -10.10 8.27 -26.94
N MET B 275 -11.31 8.75 -27.14
CA MET B 275 -11.85 9.84 -26.34
C MET B 275 -12.04 9.42 -24.88
N ASN B 276 -12.60 8.23 -24.68
CA ASN B 276 -12.80 7.69 -23.34
C ASN B 276 -11.48 7.57 -22.59
N ALA B 277 -10.47 7.08 -23.30
CA ALA B 277 -9.15 6.89 -22.72
C ALA B 277 -8.49 8.22 -22.33
N LEU B 278 -8.71 9.24 -23.13
CA LEU B 278 -8.12 10.56 -22.87
C LEU B 278 -8.77 11.22 -21.67
N ILE B 279 -10.07 10.97 -21.51
CA ILE B 279 -10.83 11.52 -20.41
C ILE B 279 -10.49 10.76 -19.13
N SER B 280 -10.42 9.43 -19.24
CA SER B 280 -10.07 8.58 -18.12
C SER B 280 -8.63 8.83 -17.66
N SER B 281 -7.77 9.15 -18.61
CA SER B 281 -6.39 9.51 -18.32
C SER B 281 -6.35 10.79 -17.49
N LYS B 282 -7.24 11.72 -17.82
CA LYS B 282 -7.37 12.95 -17.06
C LYS B 282 -7.80 12.66 -15.62
N VAL B 283 -8.67 11.66 -15.44
CA VAL B 283 -9.11 11.27 -14.11
C VAL B 283 -7.95 10.85 -13.20
N ASN B 284 -7.14 9.89 -13.65
CA ASN B 284 -6.05 9.39 -12.82
C ASN B 284 -4.98 10.44 -12.56
N GLN B 285 -4.71 11.27 -13.55
CA GLN B 285 -3.68 12.30 -13.43
C GLN B 285 -4.14 13.45 -12.54
N TRP B 286 -5.45 13.52 -12.32
CA TRP B 286 -6.04 14.58 -11.50
C TRP B 286 -6.48 14.00 -10.15
N THR B 287 -6.18 12.72 -9.93
CA THR B 287 -6.45 12.06 -8.66
C THR B 287 -5.25 11.26 -8.16
N LEU B 288 -5.03 10.11 -8.78
CA LEU B 288 -3.93 9.22 -8.40
C LEU B 288 -2.55 9.88 -8.45
N LEU B 289 -2.31 10.65 -9.50
CA LEU B 289 -1.03 11.33 -9.69
C LEU B 289 -0.74 12.30 -8.53
N ILE B 290 -1.75 13.06 -8.13
CA ILE B 290 -1.61 14.04 -7.06
C ILE B 290 -1.29 13.34 -5.74
N GLY B 291 -2.00 12.26 -5.47
CA GLY B 291 -1.78 11.50 -4.26
C GLY B 291 -0.41 10.84 -4.29
N THR B 292 0.00 10.40 -5.47
CA THR B 292 1.26 9.68 -5.64
C THR B 292 2.47 10.53 -5.30
N ILE B 293 2.51 11.76 -5.79
CA ILE B 293 3.65 12.63 -5.54
C ILE B 293 3.71 13.10 -4.08
N ALA B 294 2.56 13.28 -3.45
CA ALA B 294 2.50 13.65 -2.04
C ALA B 294 2.92 12.49 -1.15
N ILE B 295 2.46 11.29 -1.51
CA ILE B 295 2.79 10.08 -0.76
C ILE B 295 4.28 9.76 -0.88
N ILE B 296 4.80 9.84 -2.10
CA ILE B 296 6.23 9.59 -2.34
C ILE B 296 7.10 10.62 -1.61
N TYR B 297 6.62 11.85 -1.53
CA TYR B 297 7.32 12.90 -0.80
C TYR B 297 7.53 12.50 0.66
N SER B 298 6.55 11.81 1.23
CA SER B 298 6.66 11.31 2.59
C SER B 298 7.50 10.05 2.66
N ILE B 299 7.36 9.20 1.65
CA ILE B 299 8.09 7.94 1.58
C ILE B 299 9.61 8.14 1.49
N SER B 300 10.04 9.04 0.62
CA SER B 300 11.47 9.28 0.40
C SER B 300 12.17 9.82 1.64
N ALA B 301 11.40 10.40 2.55
CA ALA B 301 11.97 10.96 3.78
C ALA B 301 11.77 10.04 4.98
N PHE B 302 11.04 8.95 4.78
CA PHE B 302 10.63 8.05 5.86
C PHE B 302 9.94 8.82 6.98
N LYS B 303 9.06 9.74 6.58
CA LYS B 303 8.43 10.66 7.52
C LYS B 303 7.19 11.27 6.88
N LEU B 304 6.06 11.18 7.57
CA LEU B 304 4.83 11.79 7.08
C LEU B 304 4.93 13.31 7.12
N GLN B 305 4.77 13.93 5.96
CA GLN B 305 4.89 15.37 5.83
C GLN B 305 4.09 15.87 4.65
N SER B 306 3.70 17.14 4.70
CA SER B 306 2.95 17.74 3.61
C SER B 306 3.87 18.29 2.54
N LEU B 307 3.46 18.15 1.27
CA LEU B 307 4.23 18.69 0.16
C LEU B 307 3.92 20.17 0.00
N PRO B 308 4.91 21.03 0.26
CA PRO B 308 4.71 22.48 0.23
C PRO B 308 4.38 23.00 -1.16
N LEU B 309 3.51 24.01 -1.20
CA LEU B 309 3.22 24.71 -2.45
C LEU B 309 3.58 26.18 -2.26
N ASP B 310 4.64 26.63 -2.93
CA ASP B 310 4.98 28.04 -2.88
C ASP B 310 3.95 28.84 -3.69
N ALA B 311 4.11 30.16 -3.73
CA ALA B 311 3.17 31.04 -4.40
C ALA B 311 2.89 30.62 -5.84
N ARG B 312 3.95 30.34 -6.60
CA ARG B 312 3.80 29.98 -8.01
C ARG B 312 3.08 28.65 -8.21
N GLN B 313 3.46 27.63 -7.45
CA GLN B 313 2.83 26.32 -7.59
C GLN B 313 1.38 26.34 -7.15
N SER B 314 1.09 27.07 -6.08
CA SER B 314 -0.29 27.29 -5.64
C SER B 314 -1.11 27.89 -6.77
N GLU B 315 -0.54 28.90 -7.44
CA GLU B 315 -1.17 29.51 -8.59
C GLU B 315 -1.34 28.49 -9.72
N GLU B 316 -0.33 27.64 -9.88
CA GLU B 316 -0.31 26.63 -10.92
C GLU B 316 -1.39 25.58 -10.67
N VAL B 317 -1.57 25.23 -9.40
CA VAL B 317 -2.62 24.30 -9.02
C VAL B 317 -3.99 24.93 -9.27
N LEU B 318 -4.15 26.16 -8.81
CA LEU B 318 -5.39 26.91 -9.00
C LEU B 318 -5.79 26.96 -10.47
N LEU B 319 -4.84 27.34 -11.31
CA LEU B 319 -5.05 27.43 -12.76
C LEU B 319 -5.46 26.09 -13.35
N THR B 320 -4.80 25.01 -12.92
CA THR B 320 -5.11 23.67 -13.40
C THR B 320 -6.49 23.23 -12.93
N ALA B 321 -6.84 23.61 -11.69
CA ALA B 321 -8.17 23.36 -11.16
C ALA B 321 -9.22 24.15 -11.94
N ALA B 322 -8.85 25.36 -12.34
CA ALA B 322 -9.74 26.20 -13.13
C ALA B 322 -10.03 25.59 -14.49
N GLN B 323 -8.97 25.13 -15.16
CA GLN B 323 -9.10 24.49 -16.46
C GLN B 323 -9.91 23.19 -16.36
N SER B 324 -9.75 22.49 -15.25
CA SER B 324 -10.48 21.24 -15.01
C SER B 324 -11.98 21.49 -14.91
N LEU B 325 -12.35 22.56 -14.21
CA LEU B 325 -13.75 22.94 -14.09
C LEU B 325 -14.36 23.21 -15.45
N PHE B 326 -13.65 23.97 -16.27
CA PHE B 326 -14.10 24.32 -17.60
C PHE B 326 -14.22 23.08 -18.49
N ALA B 327 -13.25 22.17 -18.36
CA ALA B 327 -13.26 20.93 -19.14
C ALA B 327 -14.43 20.02 -18.75
N VAL B 328 -14.70 19.94 -17.45
CA VAL B 328 -15.84 19.16 -16.96
C VAL B 328 -17.14 19.73 -17.50
N ALA B 329 -17.27 21.05 -17.42
CA ALA B 329 -18.46 21.75 -17.92
C ALA B 329 -18.71 21.43 -19.39
N ILE B 330 -17.62 21.35 -20.15
CA ILE B 330 -17.70 21.02 -21.57
C ILE B 330 -18.23 19.61 -21.80
N LEU B 331 -17.81 18.67 -20.96
CA LEU B 331 -18.20 17.27 -21.11
C LEU B 331 -19.65 16.98 -20.73
N LEU B 332 -20.28 17.88 -19.97
CA LEU B 332 -21.59 17.63 -19.38
C LEU B 332 -22.67 17.18 -20.36
N ASP B 333 -22.73 17.79 -21.54
CA ASP B 333 -23.73 17.42 -22.54
C ASP B 333 -23.30 16.23 -23.39
N LEU B 334 -22.23 15.54 -22.96
CA LEU B 334 -21.71 14.36 -23.64
C LEU B 334 -21.35 14.60 -25.11
N LYS B 335 -20.91 15.82 -25.41
CA LYS B 335 -20.43 16.17 -26.74
C LYS B 335 -19.24 17.09 -26.61
N ILE B 336 -18.36 17.06 -27.62
CA ILE B 336 -17.29 18.05 -27.73
C ILE B 336 -17.36 18.70 -29.10
N SER B 337 -17.95 19.89 -29.17
CA SER B 337 -18.07 20.61 -30.43
C SER B 337 -16.72 21.21 -30.81
N TRP B 338 -16.64 21.74 -32.03
CA TRP B 338 -15.41 22.35 -32.51
C TRP B 338 -15.17 23.69 -31.82
N LYS B 339 -16.24 24.31 -31.33
CA LYS B 339 -16.11 25.55 -30.57
C LYS B 339 -15.46 25.30 -29.22
N GLU B 340 -15.94 24.27 -28.51
CA GLU B 340 -15.38 23.90 -27.21
C GLU B 340 -13.91 23.48 -27.31
N ALA B 341 -13.59 22.69 -28.33
CA ALA B 341 -12.20 22.26 -28.53
C ALA B 341 -11.30 23.44 -28.90
N SER B 342 -11.85 24.39 -29.64
CA SER B 342 -11.15 25.62 -30.00
C SER B 342 -10.82 26.43 -28.75
N ALA B 343 -11.76 26.46 -27.81
CA ALA B 343 -11.60 27.23 -26.58
C ALA B 343 -10.56 26.58 -25.67
N LEU B 344 -10.57 25.25 -25.62
CA LEU B 344 -9.59 24.52 -24.83
C LEU B 344 -8.17 24.76 -25.34
N PHE B 345 -8.01 24.71 -26.66
CA PHE B 345 -6.69 24.87 -27.27
C PHE B 345 -6.17 26.29 -27.12
N LEU B 346 -7.04 27.27 -27.37
CA LEU B 346 -6.65 28.68 -27.31
C LEU B 346 -6.35 29.16 -25.88
N LEU B 347 -7.20 28.78 -24.93
CA LEU B 347 -6.99 29.18 -23.55
C LEU B 347 -5.75 28.53 -22.97
N PHE B 348 -5.39 27.37 -23.50
CA PHE B 348 -4.15 26.72 -23.10
C PHE B 348 -2.93 27.42 -23.67
N ILE B 349 -2.92 27.64 -24.98
CA ILE B 349 -1.73 28.22 -25.61
C ILE B 349 -1.49 29.67 -25.23
N VAL B 350 -2.56 30.43 -24.96
CA VAL B 350 -2.39 31.79 -24.47
C VAL B 350 -1.56 31.79 -23.19
N GLN B 351 -1.99 31.02 -22.20
CA GLN B 351 -1.26 30.92 -20.94
C GLN B 351 0.14 30.36 -21.18
N LEU B 352 0.22 29.38 -22.07
CA LEU B 352 1.50 28.76 -22.41
C LEU B 352 2.52 29.79 -22.94
N LEU B 353 2.07 30.66 -23.83
CA LEU B 353 2.96 31.65 -24.44
C LEU B 353 2.93 33.01 -23.74
N PHE B 354 2.03 33.20 -22.79
CA PHE B 354 2.00 34.41 -21.98
C PHE B 354 2.43 34.07 -20.55
N PRO B 355 3.73 34.10 -20.27
CA PRO B 355 4.21 33.76 -18.92
C PRO B 355 3.89 34.89 -17.93
N GLY B 356 3.89 34.58 -16.65
CA GLY B 356 3.68 35.59 -15.62
C GLY B 356 2.57 35.27 -14.64
N VAL B 357 2.64 35.87 -13.46
CA VAL B 357 1.64 35.68 -12.42
C VAL B 357 0.30 36.26 -12.87
N GLU B 358 0.37 37.39 -13.57
CA GLU B 358 -0.82 38.11 -14.01
C GLU B 358 -1.70 37.25 -14.91
N VAL B 359 -1.09 36.66 -15.94
CA VAL B 359 -1.83 35.86 -16.89
C VAL B 359 -2.44 34.62 -16.22
N ARG B 360 -1.72 34.06 -15.26
CA ARG B 360 -2.21 32.88 -14.55
C ARG B 360 -3.50 33.15 -13.78
N TYR B 361 -3.59 34.32 -13.16
CA TYR B 361 -4.80 34.69 -12.42
C TYR B 361 -5.93 35.11 -13.35
N ILE B 362 -5.58 35.73 -14.46
CA ILE B 362 -6.57 36.18 -15.43
C ILE B 362 -7.21 35.00 -16.16
N ILE B 363 -6.38 34.06 -16.60
CA ILE B 363 -6.87 32.87 -17.29
C ILE B 363 -7.68 31.97 -16.36
N SER B 364 -7.25 31.87 -15.10
CA SER B 364 -8.01 31.14 -14.09
C SER B 364 -9.42 31.68 -13.97
N ALA B 365 -9.53 33.00 -13.78
CA ALA B 365 -10.83 33.64 -13.67
C ALA B 365 -11.68 33.42 -14.92
N ILE B 366 -11.06 33.54 -16.09
CA ILE B 366 -11.75 33.30 -17.35
C ILE B 366 -12.32 31.88 -17.45
N TYR B 367 -11.49 30.90 -17.11
CA TYR B 367 -11.94 29.51 -17.04
C TYR B 367 -13.17 29.38 -16.16
N ILE B 368 -13.11 29.97 -14.97
CA ILE B 368 -14.20 29.90 -14.01
C ILE B 368 -15.44 30.63 -14.51
N ILE B 369 -15.25 31.83 -15.04
CA ILE B 369 -16.37 32.63 -15.51
C ILE B 369 -17.08 31.96 -16.69
N LEU B 370 -16.30 31.33 -17.57
CA LEU B 370 -16.86 30.59 -18.70
C LEU B 370 -17.63 29.35 -18.25
N SER B 371 -17.24 28.79 -17.12
CA SER B 371 -17.79 27.53 -16.64
C SER B 371 -19.18 27.71 -16.03
N LEU B 372 -19.34 28.77 -15.24
CA LEU B 372 -20.57 29.02 -14.50
C LEU B 372 -21.88 28.95 -15.32
N PRO B 373 -21.94 29.61 -16.49
CA PRO B 373 -23.18 29.49 -17.25
C PRO B 373 -23.40 28.10 -17.83
N ILE B 374 -22.32 27.40 -18.15
CA ILE B 374 -22.43 26.04 -18.66
C ILE B 374 -22.93 25.09 -17.58
N LEU B 375 -22.30 25.17 -16.40
CA LEU B 375 -22.70 24.35 -15.27
C LEU B 375 -24.16 24.61 -14.89
N PHE B 376 -24.54 25.88 -14.88
CA PHE B 376 -25.89 26.28 -14.52
C PHE B 376 -26.90 25.75 -15.54
N ALA B 377 -26.54 25.81 -16.82
CA ALA B 377 -27.43 25.33 -17.88
C ALA B 377 -27.53 23.80 -17.88
N LYS B 378 -26.41 23.14 -17.60
CA LYS B 378 -26.37 21.68 -17.62
C LYS B 378 -26.45 21.09 -16.22
N ARG B 379 -27.12 21.77 -15.31
CA ARG B 379 -27.21 21.30 -13.93
C ARG B 379 -27.97 19.98 -13.81
N LYS B 380 -28.89 19.72 -14.74
CA LYS B 380 -29.57 18.44 -14.80
C LYS B 380 -28.60 17.34 -15.22
N GLU B 381 -27.62 17.70 -16.04
CA GLU B 381 -26.59 16.76 -16.49
C GLU B 381 -25.63 16.44 -15.35
N ILE B 382 -25.45 17.39 -14.45
CA ILE B 382 -24.60 17.20 -13.28
C ILE B 382 -25.26 16.20 -12.34
N VAL B 383 -26.57 16.32 -12.19
CA VAL B 383 -27.33 15.39 -11.36
C VAL B 383 -27.32 14.00 -11.97
N GLU B 384 -27.37 13.94 -13.30
CA GLU B 384 -27.34 12.67 -14.01
C GLU B 384 -26.04 11.89 -13.79
N SER B 385 -24.93 12.61 -13.63
CA SER B 385 -23.66 11.96 -13.38
C SER B 385 -23.66 11.30 -12.01
N PHE B 386 -24.33 11.93 -11.05
CA PHE B 386 -24.50 11.35 -9.72
C PHE B 386 -25.37 10.11 -9.78
N ARG B 387 -26.41 10.16 -10.61
CA ARG B 387 -27.33 9.04 -10.75
C ARG B 387 -26.64 7.84 -11.41
N THR B 388 -25.78 8.12 -12.38
CA THR B 388 -24.97 7.10 -13.00
C THR B 388 -24.11 6.38 -11.95
N VAL B 389 -23.48 7.16 -11.08
CA VAL B 389 -22.68 6.60 -9.98
C VAL B 389 -23.54 5.75 -9.05
N LYS B 390 -24.69 6.29 -8.65
CA LYS B 390 -25.63 5.56 -7.81
C LYS B 390 -26.13 4.30 -8.51
N ARG B 391 -26.35 4.41 -9.82
CA ARG B 391 -26.80 3.28 -10.62
C ARG B 391 -25.74 2.18 -10.69
N LEU B 392 -24.46 2.58 -10.71
CA LEU B 392 -23.37 1.61 -10.75
C LEU B 392 -23.16 0.94 -9.40
N ILE B 393 -23.36 1.69 -8.32
CA ILE B 393 -23.23 1.14 -6.97
C ILE B 393 -24.24 0.02 -6.71
N SER B 394 -25.45 0.17 -7.27
CA SER B 394 -26.50 -0.83 -7.11
C SER B 394 -26.15 -2.19 -7.72
N LEU B 395 -25.16 -2.18 -8.61
CA LEU B 395 -24.71 -3.41 -9.29
C LEU B 395 -25.83 -4.06 -10.09
#